data_5OEF
#
_entry.id   5OEF
#
_cell.length_a   90.350
_cell.length_b   72.880
_cell.length_c   103.100
_cell.angle_alpha   90.00
_cell.angle_beta   98.70
_cell.angle_gamma   90.00
#
_symmetry.space_group_name_H-M   'P 1 21 1'
#
loop_
_entity.id
_entity.type
_entity.pdbx_description
1 polymer 'Iron hydrogenase 1'
2 non-polymer 'dicarbonyl[bis(cyanide-kappaC)]-mu-(iminodimethaneselenato- 1kappaS:2kappaS)-mu-(oxomethylidene)diiron(2+)'
3 non-polymer 'IRON/SULFUR CLUSTER'
4 non-polymer 'FE2/S2 (INORGANIC) CLUSTER'
5 non-polymer 'MAGNESIUM ION'
6 water water
#
_entity_poly.entity_id   1
_entity_poly.type   'polypeptide(L)'
_entity_poly.pdbx_seq_one_letter_code
;MKTIIINGVQFNTDEDTTILKFARDNNIDISALCFLNNCNNDINKCEICTVEVEGTGLVTACDTLIEDGMIINTNSDAVN
EKIKSRISQLLDIHEFKCGPCNRRENCEFLKLVIKYKARASKPFLPKDKTEYVDERSKSLTVDRTKCLLCGRCVNACGKN
TETYAMKFLNKNGKTIIGAEDEKCFDDTNCLLCGQCIIACPVAALSEKSHMDRVKNALNAPEKHVIVAMAPSVRASIGEL
FNMGFGVDVTGKIYTALRQLGFDKIFDINFGADMTIMEEATELVQRIENNGPFPMFTSCCPGWVRQAENYYPELLNNLSS
AKSPQQIFGTASKTYYPSISGLDPKNVFTVTVMPCTSKKFEADRPQMEKDGLRDIDAVITTRELAKMIKDAKIPFAKLED
SEADPAMGEYSGAGAIFGATGGVMEAALRSAKDFAENAELEDIEYKQVRGLNGIKEAEVEINNNKYNVAVINGASNLFKF
MKSGMINEKQYHFIEVMACHGGCVNGGGQPHVNPKDLEKVDIKKVRASVLYNQDEHLSKRKSHENTALVKMYQNYFGKPG
EGRAHEILHFKYKKSAWSHPQFEK
;
_entity_poly.pdbx_strand_id   A,B
#
# COMPACT_ATOMS: atom_id res chain seq x y z
N MET A 1 19.39 -21.40 10.43
CA MET A 1 19.06 -21.38 8.99
C MET A 1 17.97 -22.39 8.64
N LYS A 2 17.62 -22.44 7.37
CA LYS A 2 16.70 -23.45 6.83
C LYS A 2 17.44 -24.30 5.82
N THR A 3 17.08 -25.56 5.72
CA THR A 3 17.62 -26.44 4.70
C THR A 3 16.56 -26.71 3.64
N ILE A 4 16.88 -26.39 2.39
CA ILE A 4 15.95 -26.52 1.28
C ILE A 4 16.58 -27.29 0.12
N ILE A 5 15.93 -28.37 -0.29
CA ILE A 5 16.34 -29.11 -1.48
C ILE A 5 15.47 -28.72 -2.66
N ILE A 6 16.08 -28.17 -3.70
CA ILE A 6 15.39 -27.84 -4.94
C ILE A 6 16.03 -28.56 -6.10
N ASN A 7 15.29 -29.49 -6.70
CA ASN A 7 15.79 -30.29 -7.83
C ASN A 7 17.09 -31.01 -7.49
N GLY A 8 17.19 -31.48 -6.25
CA GLY A 8 18.34 -32.25 -5.81
C GLY A 8 19.45 -31.41 -5.20
N VAL A 9 19.40 -30.10 -5.44
CA VAL A 9 20.42 -29.20 -4.93
C VAL A 9 20.01 -28.70 -3.55
N GLN A 10 20.92 -28.80 -2.59
CA GLN A 10 20.66 -28.37 -1.23
C GLN A 10 21.08 -26.93 -1.00
N PHE A 11 20.21 -26.17 -0.33
CA PHE A 11 20.48 -24.78 0.04
C PHE A 11 20.34 -24.59 1.55
N ASN A 12 21.27 -23.84 2.13
CA ASN A 12 21.22 -23.47 3.54
C ASN A 12 21.04 -21.96 3.69
N THR A 13 19.80 -21.55 3.92
CA THR A 13 19.44 -20.12 3.95
C THR A 13 18.69 -19.76 5.22
N ASP A 14 18.87 -18.51 5.67
CA ASP A 14 18.17 -17.99 6.82
C ASP A 14 17.06 -17.02 6.39
N GLU A 15 16.87 -16.88 5.09
CA GLU A 15 15.92 -15.92 4.55
C GLU A 15 14.46 -16.36 4.75
N ASP A 16 13.58 -15.39 4.88
CA ASP A 16 12.14 -15.62 4.95
C ASP A 16 11.48 -15.06 3.70
N THR A 17 11.18 -15.94 2.75
CA THR A 17 10.66 -15.51 1.46
C THR A 17 9.89 -16.64 0.76
N THR A 18 9.50 -16.39 -0.48
CA THR A 18 8.73 -17.36 -1.26
C THR A 18 9.67 -18.29 -2.04
N ILE A 19 9.13 -19.43 -2.45
CA ILE A 19 9.87 -20.38 -3.29
C ILE A 19 10.30 -19.70 -4.57
N LEU A 20 9.36 -19.00 -5.21
CA LEU A 20 9.61 -18.30 -6.46
C LEU A 20 10.75 -17.31 -6.33
N LYS A 21 10.69 -16.48 -5.29
CA LYS A 21 11.70 -15.45 -5.07
C LYS A 21 13.07 -16.08 -4.80
N PHE A 22 13.10 -17.10 -3.95
CA PHE A 22 14.35 -17.77 -3.61
C PHE A 22 14.93 -18.47 -4.83
N ALA A 23 14.05 -19.09 -5.62
CA ALA A 23 14.47 -19.78 -6.83
C ALA A 23 15.08 -18.80 -7.83
N ARG A 24 14.41 -17.67 -8.02
CA ARG A 24 14.88 -16.64 -8.94
C ARG A 24 16.25 -16.09 -8.50
N ASP A 25 16.46 -16.03 -7.19
CA ASP A 25 17.71 -15.51 -6.63
C ASP A 25 18.86 -16.52 -6.75
N ASN A 26 18.55 -17.72 -7.23
CA ASN A 26 19.56 -18.77 -7.37
C ASN A 26 19.52 -19.40 -8.77
N ASN A 27 19.04 -18.63 -9.74
CA ASN A 27 19.02 -19.06 -11.13
C ASN A 27 18.30 -20.40 -11.32
N ILE A 28 17.21 -20.58 -10.59
CA ILE A 28 16.33 -21.74 -10.77
C ILE A 28 15.05 -21.28 -11.45
N ASP A 29 14.79 -21.86 -12.62
CA ASP A 29 13.67 -21.42 -13.46
C ASP A 29 12.32 -21.84 -12.88
N ILE A 30 11.46 -20.85 -12.64
CA ILE A 30 10.07 -21.11 -12.27
C ILE A 30 9.20 -20.10 -13.01
N SER A 31 8.29 -20.61 -13.83
CA SER A 31 7.41 -19.75 -14.62
C SER A 31 6.43 -19.02 -13.71
N ALA A 32 5.86 -17.93 -14.22
CA ALA A 32 4.87 -17.15 -13.49
C ALA A 32 4.05 -16.32 -14.47
N LEU A 33 2.92 -15.81 -14.01
CA LEU A 33 2.07 -14.99 -14.85
C LEU A 33 1.36 -13.90 -14.06
N CYS A 34 0.43 -14.30 -13.20
CA CYS A 34 -0.41 -13.33 -12.51
C CYS A 34 0.32 -12.64 -11.36
N PHE A 35 1.51 -13.13 -11.03
CA PHE A 35 2.34 -12.50 -10.00
C PHE A 35 3.08 -11.29 -10.56
N LEU A 36 2.85 -10.13 -9.94
CA LEU A 36 3.52 -8.91 -10.33
C LEU A 36 3.32 -7.87 -9.23
N ASN A 37 4.37 -7.09 -8.96
CA ASN A 37 4.34 -6.10 -7.90
C ASN A 37 4.06 -6.73 -6.54
N ASN A 38 4.73 -7.84 -6.26
CA ASN A 38 4.61 -8.55 -4.98
C ASN A 38 3.17 -8.90 -4.63
N CYS A 39 2.36 -9.18 -5.65
CA CYS A 39 1.01 -9.68 -5.44
C CYS A 39 0.55 -10.51 -6.63
N ASN A 40 -0.23 -11.55 -6.34
CA ASN A 40 -0.80 -12.41 -7.38
C ASN A 40 -2.31 -12.29 -7.38
N ASN A 41 -2.98 -13.11 -8.20
CA ASN A 41 -4.43 -13.12 -8.26
C ASN A 41 -4.98 -13.99 -7.13
N ASP A 42 -5.31 -13.36 -6.01
CA ASP A 42 -5.71 -14.09 -4.80
C ASP A 42 -6.96 -14.92 -5.00
N ILE A 43 -7.94 -14.38 -5.74
CA ILE A 43 -9.23 -15.03 -5.91
C ILE A 43 -9.27 -15.98 -7.11
N ASN A 44 -8.25 -15.91 -7.96
CA ASN A 44 -8.16 -16.80 -9.11
C ASN A 44 -6.69 -16.99 -9.51
N LYS A 45 -5.95 -17.67 -8.64
CA LYS A 45 -4.54 -17.95 -8.88
C LYS A 45 -4.34 -18.70 -10.20
N CYS A 46 -3.41 -18.20 -11.02
CA CYS A 46 -3.16 -18.79 -12.33
C CYS A 46 -2.46 -20.14 -12.22
N GLU A 47 -1.75 -20.33 -11.11
CA GLU A 47 -1.04 -21.59 -10.82
C GLU A 47 0.05 -21.90 -11.85
N ILE A 48 0.49 -20.88 -12.58
CA ILE A 48 1.58 -21.06 -13.53
C ILE A 48 2.90 -21.30 -12.79
N CYS A 49 2.95 -20.84 -11.53
CA CYS A 49 4.13 -20.99 -10.71
C CYS A 49 4.06 -22.25 -9.85
N THR A 50 3.34 -23.27 -10.33
CA THR A 50 3.19 -24.50 -9.58
C THR A 50 4.52 -25.26 -9.47
N VAL A 51 4.81 -25.72 -8.27
CA VAL A 51 5.97 -26.58 -8.03
C VAL A 51 5.58 -27.68 -7.05
N GLU A 52 6.27 -28.81 -7.10
CA GLU A 52 5.97 -29.93 -6.22
C GLU A 52 6.79 -29.86 -4.94
N VAL A 53 6.11 -30.04 -3.81
CA VAL A 53 6.78 -30.12 -2.52
C VAL A 53 6.46 -31.47 -1.88
N GLU A 54 7.48 -32.29 -1.67
CA GLU A 54 7.30 -33.62 -1.10
C GLU A 54 6.62 -33.54 0.26
N GLY A 55 5.53 -34.29 0.41
CA GLY A 55 4.78 -34.32 1.65
C GLY A 55 3.63 -33.33 1.69
N THR A 56 3.48 -32.55 0.62
CA THR A 56 2.44 -31.53 0.53
C THR A 56 1.67 -31.62 -0.78
N GLY A 57 2.40 -31.82 -1.87
CA GLY A 57 1.81 -31.87 -3.20
C GLY A 57 2.15 -30.60 -3.98
N LEU A 58 1.35 -30.31 -5.00
CA LEU A 58 1.57 -29.13 -5.83
C LEU A 58 1.23 -27.86 -5.06
N VAL A 59 2.07 -26.84 -5.19
CA VAL A 59 1.88 -25.57 -4.51
C VAL A 59 2.31 -24.41 -5.40
N THR A 60 1.66 -23.26 -5.23
CA THR A 60 2.04 -22.06 -5.97
C THR A 60 3.24 -21.39 -5.32
N ALA A 61 4.33 -21.28 -6.08
CA ALA A 61 5.60 -20.80 -5.55
C ALA A 61 5.60 -19.30 -5.26
N CYS A 62 4.68 -18.56 -5.86
CA CYS A 62 4.70 -17.10 -5.79
C CYS A 62 4.13 -16.57 -4.47
N ASP A 63 3.50 -17.44 -3.70
CA ASP A 63 2.94 -17.05 -2.40
C ASP A 63 3.12 -18.14 -1.34
N THR A 64 3.96 -19.13 -1.63
CA THR A 64 4.27 -20.18 -0.67
C THR A 64 5.66 -19.94 -0.09
N LEU A 65 5.72 -19.77 1.24
CA LEU A 65 6.97 -19.51 1.92
C LEU A 65 7.87 -20.74 1.95
N ILE A 66 9.18 -20.52 1.92
CA ILE A 66 10.14 -21.60 2.08
C ILE A 66 10.17 -22.02 3.55
N GLU A 67 10.34 -23.32 3.78
CA GLU A 67 10.38 -23.87 5.14
C GLU A 67 11.41 -24.99 5.22
N ASP A 68 12.10 -25.06 6.36
CA ASP A 68 13.12 -26.09 6.58
C ASP A 68 12.53 -27.48 6.37
N GLY A 69 13.27 -28.31 5.63
CA GLY A 69 12.84 -29.67 5.34
C GLY A 69 12.02 -29.77 4.07
N MET A 70 11.99 -28.69 3.30
CA MET A 70 11.28 -28.68 2.02
C MET A 70 12.11 -29.33 0.92
N ILE A 71 11.51 -30.30 0.23
CA ILE A 71 12.12 -30.91 -0.94
C ILE A 71 11.30 -30.54 -2.17
N ILE A 72 11.81 -29.58 -2.94
CA ILE A 72 11.06 -28.99 -4.03
C ILE A 72 11.48 -29.53 -5.40
N ASN A 73 10.49 -29.77 -6.25
CA ASN A 73 10.71 -30.15 -7.64
C ASN A 73 9.93 -29.23 -8.56
N THR A 74 10.63 -28.56 -9.47
CA THR A 74 10.03 -27.55 -10.34
C THR A 74 9.72 -28.07 -11.74
N ASN A 75 10.37 -29.16 -12.14
CA ASN A 75 10.28 -29.66 -13.51
C ASN A 75 9.88 -31.12 -13.60
N SER A 76 9.04 -31.56 -12.68
CA SER A 76 8.50 -32.91 -12.74
C SER A 76 7.34 -32.94 -13.73
N ASP A 77 7.03 -34.12 -14.25
CA ASP A 77 5.97 -34.28 -15.23
C ASP A 77 4.62 -33.85 -14.66
N ALA A 78 4.42 -34.10 -13.37
CA ALA A 78 3.18 -33.73 -12.70
C ALA A 78 3.02 -32.21 -12.65
N VAL A 79 4.13 -31.51 -12.48
CA VAL A 79 4.12 -30.05 -12.45
C VAL A 79 3.88 -29.48 -13.85
N ASN A 80 4.59 -30.01 -14.83
CA ASN A 80 4.50 -29.49 -16.20
C ASN A 80 3.12 -29.69 -16.81
N GLU A 81 2.54 -30.88 -16.62
CA GLU A 81 1.22 -31.16 -17.16
C GLU A 81 0.20 -30.24 -16.50
N LYS A 82 0.41 -29.94 -15.22
CA LYS A 82 -0.47 -29.04 -14.49
C LYS A 82 -0.40 -27.64 -15.06
N ILE A 83 0.83 -27.14 -15.23
CA ILE A 83 1.04 -25.82 -15.82
C ILE A 83 0.52 -25.80 -17.26
N LYS A 84 0.72 -26.92 -17.96
CA LYS A 84 0.28 -27.03 -19.35
C LYS A 84 -1.24 -27.00 -19.43
N SER A 85 -1.89 -27.52 -18.39
CA SER A 85 -3.35 -27.55 -18.34
C SER A 85 -3.92 -26.15 -18.14
N ARG A 86 -3.29 -25.36 -17.28
CA ARG A 86 -3.74 -24.00 -16.99
C ARG A 86 -3.60 -23.09 -18.21
N ILE A 87 -2.46 -23.19 -18.89
CA ILE A 87 -2.20 -22.39 -20.08
C ILE A 87 -3.17 -22.79 -21.20
N SER A 88 -3.49 -24.08 -21.25
CA SER A 88 -4.45 -24.59 -22.24
C SER A 88 -5.85 -24.05 -21.98
N GLN A 89 -6.19 -23.92 -20.70
CA GLN A 89 -7.50 -23.42 -20.30
C GLN A 89 -7.62 -21.92 -20.55
N LEU A 90 -6.51 -21.22 -20.39
CA LEU A 90 -6.49 -19.78 -20.67
C LEU A 90 -6.63 -19.57 -22.17
N LEU A 91 -6.08 -20.48 -22.97
CA LEU A 91 -6.19 -20.40 -24.42
C LEU A 91 -7.64 -20.59 -24.88
N ASP A 92 -8.44 -21.29 -24.07
CA ASP A 92 -9.84 -21.53 -24.40
C ASP A 92 -10.67 -20.26 -24.30
N ILE A 93 -10.08 -19.21 -23.73
CA ILE A 93 -10.75 -17.90 -23.61
C ILE A 93 -9.88 -16.80 -24.23
N HIS A 94 -8.97 -17.20 -25.11
CA HIS A 94 -7.99 -16.28 -25.68
C HIS A 94 -7.95 -16.36 -27.20
N GLU A 95 -8.29 -15.27 -27.86
CA GLU A 95 -8.17 -15.18 -29.31
C GLU A 95 -6.69 -15.24 -29.70
N PHE A 96 -6.24 -16.43 -30.09
CA PHE A 96 -4.82 -16.66 -30.33
C PHE A 96 -4.41 -16.30 -31.77
N LYS A 97 -4.35 -15.00 -32.03
CA LYS A 97 -3.95 -14.48 -33.34
C LYS A 97 -2.83 -13.46 -33.17
N CYS A 98 -1.59 -13.95 -33.16
CA CYS A 98 -0.44 -13.11 -32.84
C CYS A 98 0.02 -12.25 -34.01
N GLY A 99 -0.40 -12.60 -35.21
CA GLY A 99 0.02 -11.91 -36.41
C GLY A 99 -0.17 -10.39 -36.34
N PRO A 100 -1.42 -9.94 -36.20
CA PRO A 100 -1.74 -8.51 -36.15
C PRO A 100 -1.69 -7.91 -34.75
N CYS A 101 -1.39 -8.73 -33.74
CA CYS A 101 -1.42 -8.28 -32.35
C CYS A 101 -0.29 -7.30 -32.04
N ASN A 102 -0.60 -6.28 -31.24
CA ASN A 102 0.37 -5.22 -30.92
C ASN A 102 1.33 -5.61 -29.78
N ARG A 103 1.20 -6.84 -29.29
CA ARG A 103 2.11 -7.38 -28.29
C ARG A 103 2.85 -8.60 -28.85
N ARG A 104 2.83 -8.74 -30.16
CA ARG A 104 3.42 -9.88 -30.84
C ARG A 104 4.89 -10.10 -30.46
N GLU A 105 5.60 -9.00 -30.21
CA GLU A 105 7.05 -9.04 -30.00
C GLU A 105 7.46 -9.03 -28.52
N ASN A 106 6.48 -8.98 -27.63
CA ASN A 106 6.77 -8.98 -26.20
C ASN A 106 5.59 -9.40 -25.33
N CYS A 107 5.03 -10.56 -25.67
CA CYS A 107 3.89 -11.11 -24.93
C CYS A 107 4.34 -12.19 -23.96
N GLU A 108 3.99 -12.04 -22.69
CA GLU A 108 4.34 -13.02 -21.67
C GLU A 108 3.59 -14.32 -21.87
N PHE A 109 2.36 -14.21 -22.39
CA PHE A 109 1.51 -15.38 -22.58
C PHE A 109 2.01 -16.24 -23.74
N LEU A 110 2.29 -15.61 -24.87
CA LEU A 110 2.81 -16.32 -26.04
C LEU A 110 4.05 -17.11 -25.68
N LYS A 111 4.96 -16.48 -24.93
CA LYS A 111 6.19 -17.12 -24.51
C LYS A 111 5.90 -18.32 -23.60
N LEU A 112 4.81 -18.25 -22.85
CA LEU A 112 4.41 -19.34 -21.97
C LEU A 112 3.80 -20.49 -22.77
N VAL A 113 3.07 -20.16 -23.83
CA VAL A 113 2.48 -21.16 -24.70
C VAL A 113 3.57 -21.93 -25.44
N ILE A 114 4.51 -21.19 -26.01
CA ILE A 114 5.64 -21.78 -26.72
C ILE A 114 6.47 -22.65 -25.78
N LYS A 115 6.66 -22.17 -24.56
CA LYS A 115 7.54 -22.83 -23.60
C LYS A 115 7.01 -24.22 -23.21
N TYR A 116 5.70 -24.32 -23.01
CA TYR A 116 5.08 -25.57 -22.57
C TYR A 116 4.36 -26.29 -23.71
N LYS A 117 4.39 -25.69 -24.90
CA LYS A 117 3.75 -26.29 -26.07
C LYS A 117 2.28 -26.59 -25.82
N ALA A 118 1.59 -25.67 -25.15
CA ALA A 118 0.19 -25.85 -24.82
C ALA A 118 -0.71 -25.54 -26.01
N ARG A 119 -1.86 -26.19 -26.05
CA ARG A 119 -2.84 -25.97 -27.11
C ARG A 119 -4.24 -25.89 -26.53
N ALA A 120 -5.11 -25.14 -27.19
CA ALA A 120 -6.49 -24.96 -26.73
C ALA A 120 -7.31 -26.23 -26.92
N SER A 121 -8.13 -26.57 -25.93
CA SER A 121 -9.08 -27.67 -26.07
C SER A 121 -10.10 -27.31 -27.13
N LYS A 122 -10.36 -26.01 -27.25
CA LYS A 122 -11.17 -25.47 -28.34
C LYS A 122 -10.69 -24.06 -28.65
N PRO A 123 -10.14 -23.83 -29.85
CA PRO A 123 -9.66 -22.49 -30.19
C PRO A 123 -10.74 -21.42 -30.03
N PHE A 124 -10.49 -20.46 -29.13
CA PHE A 124 -11.41 -19.36 -28.94
C PHE A 124 -11.41 -18.47 -30.16
N LEU A 125 -12.52 -18.45 -30.88
CA LEU A 125 -12.64 -17.72 -32.14
C LEU A 125 -13.97 -17.00 -32.24
N PRO A 126 -14.09 -15.85 -31.56
CA PRO A 126 -15.32 -15.07 -31.63
C PRO A 126 -15.56 -14.47 -33.01
N LYS A 127 -16.79 -14.55 -33.50
CA LYS A 127 -17.13 -14.01 -34.81
C LYS A 127 -17.13 -12.49 -34.78
N ASP A 128 -17.72 -11.93 -33.72
CA ASP A 128 -17.84 -10.49 -33.56
C ASP A 128 -17.25 -10.04 -32.23
N LYS A 129 -16.14 -9.32 -32.28
CA LYS A 129 -15.44 -8.85 -31.08
C LYS A 129 -16.10 -7.62 -30.47
N THR A 130 -17.22 -7.18 -31.07
CA THR A 130 -17.92 -5.98 -30.62
C THR A 130 -18.13 -5.95 -29.12
N GLU A 131 -18.74 -7.01 -28.59
CA GLU A 131 -19.06 -7.07 -27.17
C GLU A 131 -17.80 -7.13 -26.31
N TYR A 132 -16.71 -7.62 -26.89
CA TYR A 132 -15.46 -7.80 -26.16
C TYR A 132 -14.59 -6.55 -26.12
N VAL A 133 -14.87 -5.60 -27.01
CA VAL A 133 -14.02 -4.44 -27.19
C VAL A 133 -14.67 -3.16 -26.66
N ASP A 134 -13.86 -2.36 -25.95
CA ASP A 134 -14.29 -1.06 -25.46
C ASP A 134 -13.28 0.02 -25.86
N GLU A 135 -13.65 0.83 -26.85
CA GLU A 135 -12.79 1.88 -27.37
C GLU A 135 -13.42 3.26 -27.17
N ARG A 136 -14.26 3.37 -26.13
CA ARG A 136 -14.96 4.62 -25.85
C ARG A 136 -14.03 5.69 -25.30
N SER A 137 -13.01 5.26 -24.56
CA SER A 137 -12.09 6.19 -23.91
C SER A 137 -11.15 6.85 -24.92
N LYS A 138 -10.70 8.06 -24.58
CA LYS A 138 -9.76 8.81 -25.41
C LYS A 138 -8.32 8.34 -25.16
N SER A 139 -8.12 7.55 -24.11
CA SER A 139 -6.78 7.14 -23.69
C SER A 139 -6.61 5.63 -23.65
N LEU A 140 -7.62 4.92 -23.16
CA LEU A 140 -7.54 3.48 -22.96
C LEU A 140 -8.42 2.69 -23.93
N THR A 141 -8.03 1.45 -24.18
CA THR A 141 -8.86 0.53 -24.95
C THR A 141 -8.73 -0.88 -24.38
N VAL A 142 -9.88 -1.53 -24.22
CA VAL A 142 -9.93 -2.88 -23.68
C VAL A 142 -10.32 -3.86 -24.78
N ASP A 143 -9.54 -4.93 -24.91
CA ASP A 143 -9.90 -6.05 -25.78
C ASP A 143 -9.95 -7.32 -24.95
N ARG A 144 -11.15 -7.69 -24.53
CA ARG A 144 -11.32 -8.78 -23.58
C ARG A 144 -11.20 -10.16 -24.22
N THR A 145 -10.87 -10.18 -25.51
CA THR A 145 -10.58 -11.44 -26.18
C THR A 145 -9.16 -11.88 -25.86
N LYS A 146 -8.38 -10.96 -25.30
CA LYS A 146 -7.00 -11.24 -24.93
C LYS A 146 -6.82 -11.37 -23.42
N CYS A 147 -7.86 -10.99 -22.67
CA CYS A 147 -7.78 -10.88 -21.21
C CYS A 147 -7.72 -12.24 -20.51
N LEU A 148 -6.70 -12.41 -19.67
CA LEU A 148 -6.46 -13.66 -18.96
C LEU A 148 -7.06 -13.62 -17.54
N LEU A 149 -7.61 -12.48 -17.15
CA LEU A 149 -8.13 -12.28 -15.80
C LEU A 149 -7.08 -12.64 -14.75
N CYS A 150 -5.88 -12.08 -14.94
CA CYS A 150 -4.78 -12.27 -14.01
C CYS A 150 -4.83 -11.22 -12.89
N GLY A 151 -5.67 -10.20 -13.07
CA GLY A 151 -5.85 -9.17 -12.06
C GLY A 151 -4.69 -8.22 -11.91
N ARG A 152 -3.67 -8.36 -12.77
CA ARG A 152 -2.47 -7.54 -12.64
C ARG A 152 -2.75 -6.07 -12.87
N CYS A 153 -3.70 -5.76 -13.76
CA CYS A 153 -4.11 -4.38 -13.97
C CYS A 153 -4.82 -3.83 -12.74
N VAL A 154 -5.73 -4.64 -12.18
CA VAL A 154 -6.47 -4.26 -10.98
C VAL A 154 -5.51 -3.95 -9.84
N ASN A 155 -4.58 -4.87 -9.59
CA ASN A 155 -3.60 -4.69 -8.53
C ASN A 155 -2.67 -3.51 -8.81
N ALA A 156 -2.32 -3.31 -10.07
CA ALA A 156 -1.45 -2.21 -10.46
C ALA A 156 -2.13 -0.87 -10.19
N CYS A 157 -3.40 -0.76 -10.56
CA CYS A 157 -4.17 0.45 -10.34
C CYS A 157 -4.25 0.77 -8.85
N GLY A 158 -4.48 -0.26 -8.04
CA GLY A 158 -4.56 -0.09 -6.60
C GLY A 158 -3.26 0.45 -6.02
N LYS A 159 -2.16 -0.18 -6.35
CA LYS A 159 -0.85 0.23 -5.83
C LYS A 159 -0.46 1.62 -6.31
N ASN A 160 -0.54 1.84 -7.62
CA ASN A 160 -0.05 3.08 -8.22
C ASN A 160 -0.92 4.29 -7.94
N THR A 161 -2.23 4.12 -8.02
CA THR A 161 -3.16 5.25 -7.94
C THR A 161 -4.04 5.22 -6.68
N GLU A 162 -4.25 4.04 -6.12
CA GLU A 162 -5.15 3.86 -4.97
C GLU A 162 -6.57 4.34 -5.27
N THR A 163 -6.92 4.41 -6.56
CA THR A 163 -8.27 4.77 -6.96
C THR A 163 -9.13 3.53 -7.18
N TYR A 164 -8.47 2.42 -7.49
CA TYR A 164 -9.15 1.16 -7.79
C TYR A 164 -10.16 1.36 -8.92
N ALA A 165 -9.80 2.21 -9.89
CA ALA A 165 -10.67 2.50 -11.01
C ALA A 165 -10.86 1.26 -11.87
N MET A 166 -9.82 0.43 -11.93
CA MET A 166 -9.90 -0.84 -12.63
C MET A 166 -10.41 -1.90 -11.66
N LYS A 167 -11.60 -2.43 -11.94
CA LYS A 167 -12.26 -3.37 -11.05
C LYS A 167 -12.59 -4.68 -11.75
N PHE A 168 -12.78 -5.73 -10.95
CA PHE A 168 -13.39 -6.96 -11.45
C PHE A 168 -14.90 -6.75 -11.49
N LEU A 169 -15.52 -7.12 -12.61
CA LEU A 169 -16.95 -6.91 -12.81
C LEU A 169 -17.67 -8.22 -13.15
N ASN A 170 -18.94 -8.29 -12.76
CA ASN A 170 -19.79 -9.41 -13.11
C ASN A 170 -20.78 -9.01 -14.20
N LYS A 171 -20.44 -9.31 -15.45
CA LYS A 171 -21.27 -8.96 -16.59
C LYS A 171 -22.06 -10.19 -17.05
N ASN A 172 -23.35 -10.19 -16.77
CA ASN A 172 -24.23 -11.31 -17.13
C ASN A 172 -23.73 -12.63 -16.54
N GLY A 173 -23.16 -12.55 -15.34
CA GLY A 173 -22.63 -13.73 -14.68
C GLY A 173 -21.27 -14.13 -15.22
N LYS A 174 -20.60 -13.18 -15.87
CA LYS A 174 -19.29 -13.42 -16.46
C LYS A 174 -18.26 -12.47 -15.86
N THR A 175 -17.13 -13.01 -15.43
CA THR A 175 -16.06 -12.21 -14.85
C THR A 175 -15.30 -11.46 -15.94
N ILE A 176 -15.22 -10.14 -15.79
CA ILE A 176 -14.43 -9.28 -16.67
C ILE A 176 -13.73 -8.21 -15.83
N ILE A 177 -12.90 -7.42 -16.49
CA ILE A 177 -12.31 -6.24 -15.85
C ILE A 177 -12.68 -4.99 -16.63
N GLY A 178 -12.81 -3.88 -15.92
CA GLY A 178 -13.21 -2.62 -16.53
C GLY A 178 -13.43 -1.54 -15.49
N ALA A 179 -14.02 -0.43 -15.93
CA ALA A 179 -14.27 0.69 -15.04
C ALA A 179 -15.52 0.44 -14.18
N GLU A 180 -15.79 1.37 -13.27
CA GLU A 180 -16.95 1.26 -12.39
C GLU A 180 -18.24 1.22 -13.22
N ASP A 181 -19.13 0.28 -12.87
CA ASP A 181 -20.39 0.10 -13.57
C ASP A 181 -20.19 -0.16 -15.06
N GLU A 182 -18.98 -0.64 -15.40
CA GLU A 182 -18.62 -0.91 -16.79
C GLU A 182 -18.78 0.33 -17.68
N LYS A 183 -18.66 1.50 -17.07
CA LYS A 183 -18.74 2.75 -17.80
C LYS A 183 -17.47 2.98 -18.60
N CYS A 184 -17.44 4.06 -19.37
CA CYS A 184 -16.22 4.48 -20.04
C CYS A 184 -15.29 5.05 -18.97
N PHE A 185 -14.02 4.63 -18.99
CA PHE A 185 -13.05 5.02 -17.98
C PHE A 185 -13.01 6.53 -17.75
N ASP A 186 -13.14 7.28 -18.84
CA ASP A 186 -13.14 8.74 -18.77
C ASP A 186 -14.27 9.25 -17.88
N ASP A 187 -15.39 8.54 -17.87
CA ASP A 187 -16.57 8.96 -17.12
C ASP A 187 -16.54 8.48 -15.67
N THR A 188 -15.36 8.07 -15.23
CA THR A 188 -15.17 7.62 -13.84
C THR A 188 -13.97 8.35 -13.24
N ASN A 189 -13.64 7.99 -12.00
CA ASN A 189 -12.54 8.63 -11.30
C ASN A 189 -11.17 8.17 -11.79
N CYS A 190 -11.18 7.32 -12.83
CA CYS A 190 -9.94 6.88 -13.47
C CYS A 190 -9.08 8.08 -13.87
N LEU A 191 -7.77 7.94 -13.73
CA LEU A 191 -6.81 8.99 -14.06
C LEU A 191 -6.29 8.86 -15.50
N LEU A 192 -6.62 7.74 -16.15
CA LEU A 192 -6.15 7.45 -17.50
C LEU A 192 -4.62 7.46 -17.54
N CYS A 193 -4.01 7.01 -16.45
CA CYS A 193 -2.56 7.03 -16.31
C CYS A 193 -1.90 5.87 -17.05
N GLY A 194 -2.69 4.88 -17.39
CA GLY A 194 -2.23 3.77 -18.19
C GLY A 194 -1.35 2.77 -17.47
N GLN A 195 -1.30 2.87 -16.14
CA GLN A 195 -0.50 1.94 -15.36
C GLN A 195 -1.05 0.52 -15.47
N CYS A 196 -2.36 0.41 -15.69
CA CYS A 196 -2.99 -0.88 -15.90
C CYS A 196 -2.48 -1.52 -17.20
N ILE A 197 -2.20 -0.71 -18.21
CA ILE A 197 -1.63 -1.20 -19.46
C ILE A 197 -0.23 -1.75 -19.23
N ILE A 198 0.58 -0.98 -18.51
CA ILE A 198 1.97 -1.35 -18.23
C ILE A 198 2.05 -2.70 -17.52
N ALA A 199 1.07 -2.99 -16.66
CA ALA A 199 1.07 -4.22 -15.88
C ALA A 199 0.48 -5.38 -16.67
N CYS A 200 -0.13 -5.09 -17.81
CA CYS A 200 -0.79 -6.12 -18.59
C CYS A 200 0.20 -6.98 -19.35
N PRO A 201 0.16 -8.31 -19.14
CA PRO A 201 1.09 -9.21 -19.84
C PRO A 201 0.67 -9.50 -21.28
N VAL A 202 -0.46 -8.95 -21.70
CA VAL A 202 -1.01 -9.22 -23.02
C VAL A 202 -1.58 -7.95 -23.65
N ALA A 203 -2.12 -8.08 -24.86
CA ALA A 203 -2.65 -6.93 -25.59
C ALA A 203 -4.10 -6.65 -25.22
N ALA A 204 -4.53 -7.11 -24.06
CA ALA A 204 -5.90 -6.91 -23.61
C ALA A 204 -6.14 -5.43 -23.31
N LEU A 205 -5.16 -4.80 -22.68
CA LEU A 205 -5.20 -3.37 -22.41
C LEU A 205 -4.20 -2.65 -23.29
N SER A 206 -4.68 -1.64 -24.01
CA SER A 206 -3.84 -0.86 -24.92
C SER A 206 -4.22 0.61 -24.85
N GLU A 207 -3.47 1.45 -25.55
CA GLU A 207 -3.76 2.87 -25.65
C GLU A 207 -4.75 3.12 -26.78
N LYS A 208 -5.55 4.18 -26.66
CA LYS A 208 -6.44 4.59 -27.74
C LYS A 208 -5.61 5.07 -28.92
N SER A 209 -5.65 4.32 -30.01
CA SER A 209 -4.78 4.58 -31.15
C SER A 209 -5.04 5.94 -31.78
N HIS A 210 -3.96 6.62 -32.13
CA HIS A 210 -4.02 7.89 -32.86
C HIS A 210 -3.25 7.82 -34.17
N MET A 211 -2.75 6.63 -34.51
CA MET A 211 -1.88 6.46 -35.66
C MET A 211 -2.62 6.78 -36.97
N ASP A 212 -3.93 6.56 -37.01
CA ASP A 212 -4.72 6.90 -38.18
C ASP A 212 -4.80 8.41 -38.36
N ARG A 213 -4.88 9.15 -37.25
CA ARG A 213 -4.85 10.61 -37.30
C ARG A 213 -3.55 11.06 -37.96
N VAL A 214 -2.45 10.41 -37.58
CA VAL A 214 -1.13 10.77 -38.06
C VAL A 214 -0.97 10.41 -39.54
N LYS A 215 -1.18 9.14 -39.87
CA LYS A 215 -0.95 8.65 -41.23
C LYS A 215 -1.81 9.37 -42.25
N ASN A 216 -3.04 9.69 -41.88
CA ASN A 216 -3.91 10.47 -42.77
C ASN A 216 -3.37 11.89 -42.95
N ALA A 217 -2.95 12.51 -41.86
CA ALA A 217 -2.40 13.86 -41.90
C ALA A 217 -1.09 13.89 -42.69
N LEU A 218 -0.32 12.81 -42.61
CA LEU A 218 0.95 12.72 -43.32
C LEU A 218 0.71 12.60 -44.83
N ASN A 219 -0.25 11.76 -45.20
CA ASN A 219 -0.55 11.52 -46.61
C ASN A 219 -1.40 12.64 -47.21
N ALA A 220 -1.92 13.51 -46.36
CA ALA A 220 -2.68 14.67 -46.83
C ALA A 220 -1.71 15.69 -47.44
N PRO A 221 -1.88 16.01 -48.73
CA PRO A 221 -0.93 16.92 -49.39
C PRO A 221 -0.81 18.28 -48.73
N GLU A 222 -1.93 18.86 -48.32
CA GLU A 222 -1.94 20.22 -47.79
C GLU A 222 -1.49 20.30 -46.33
N LYS A 223 -1.52 19.18 -45.62
CA LYS A 223 -1.20 19.18 -44.20
C LYS A 223 0.30 19.22 -43.94
N HIS A 224 0.72 20.24 -43.20
CA HIS A 224 2.10 20.34 -42.70
C HIS A 224 2.17 19.71 -41.30
N VAL A 225 2.75 18.51 -41.22
CA VAL A 225 2.71 17.72 -39.99
C VAL A 225 3.95 17.93 -39.12
N ILE A 226 3.76 18.63 -38.00
CA ILE A 226 4.81 18.76 -37.00
C ILE A 226 4.82 17.54 -36.08
N VAL A 227 6.01 17.12 -35.67
CA VAL A 227 6.13 16.09 -34.64
C VAL A 227 7.11 16.58 -33.57
N ALA A 228 6.81 16.26 -32.32
CA ALA A 228 7.64 16.65 -31.20
C ALA A 228 7.51 15.64 -30.07
N MET A 229 8.64 15.05 -29.68
CA MET A 229 8.63 14.01 -28.65
C MET A 229 8.80 14.60 -27.24
N ALA A 230 8.25 13.89 -26.26
CA ALA A 230 8.43 14.24 -24.86
C ALA A 230 9.84 13.91 -24.41
N PRO A 231 10.27 14.47 -23.26
CA PRO A 231 11.60 14.17 -22.71
C PRO A 231 11.89 12.67 -22.61
N SER A 232 10.94 11.90 -22.09
CA SER A 232 11.19 10.50 -21.74
C SER A 232 11.29 9.58 -22.94
N VAL A 233 10.77 10.02 -24.09
CA VAL A 233 10.77 9.20 -25.29
C VAL A 233 12.18 8.81 -25.71
N ARG A 234 13.11 9.74 -25.61
CA ARG A 234 14.47 9.53 -26.11
C ARG A 234 15.30 8.69 -25.15
N ALA A 235 14.68 8.22 -24.08
CA ALA A 235 15.37 7.44 -23.06
C ALA A 235 14.70 6.10 -22.81
N SER A 236 13.83 5.68 -23.72
N SER A 236 13.84 5.68 -23.72
CA SER A 236 13.02 4.49 -23.51
CA SER A 236 13.05 4.46 -23.52
C SER A 236 12.75 3.71 -24.80
C SER A 236 12.76 3.70 -24.81
N ILE A 237 12.46 4.42 -25.88
CA ILE A 237 12.04 3.79 -27.13
C ILE A 237 13.08 2.83 -27.70
N GLY A 238 14.35 3.05 -27.36
CA GLY A 238 15.41 2.17 -27.80
C GLY A 238 15.22 0.73 -27.34
N GLU A 239 14.50 0.58 -26.23
CA GLU A 239 14.26 -0.74 -25.65
C GLU A 239 13.50 -1.66 -26.60
N LEU A 240 12.63 -1.08 -27.42
CA LEU A 240 11.79 -1.85 -28.32
C LEU A 240 12.50 -2.18 -29.64
N PHE A 241 13.80 -1.90 -29.69
CA PHE A 241 14.62 -2.24 -30.85
C PHE A 241 15.88 -2.99 -30.40
N ASN A 242 15.75 -3.69 -29.27
CA ASN A 242 16.82 -4.56 -28.77
C ASN A 242 18.11 -3.81 -28.50
N MET A 243 18.00 -2.53 -28.12
CA MET A 243 19.17 -1.71 -27.83
C MET A 243 19.49 -1.70 -26.33
N GLY A 244 18.59 -2.23 -25.52
CA GLY A 244 18.79 -2.29 -24.09
C GLY A 244 18.17 -1.12 -23.35
N PHE A 245 18.58 -0.93 -22.10
CA PHE A 245 17.98 0.09 -21.24
C PHE A 245 18.93 1.26 -20.97
N GLY A 246 18.35 2.45 -20.86
CA GLY A 246 19.12 3.64 -20.53
C GLY A 246 19.94 4.16 -21.69
N VAL A 247 19.56 3.80 -22.91
CA VAL A 247 20.29 4.22 -24.09
C VAL A 247 19.67 5.48 -24.69
N ASP A 248 20.47 6.54 -24.77
CA ASP A 248 20.04 7.77 -25.41
C ASP A 248 19.93 7.55 -26.92
N VAL A 249 18.78 7.87 -27.50
CA VAL A 249 18.56 7.69 -28.93
C VAL A 249 17.90 8.93 -29.54
N THR A 250 18.15 10.09 -28.94
CA THR A 250 17.56 11.35 -29.36
C THR A 250 17.79 11.60 -30.85
N GLY A 251 19.05 11.50 -31.28
CA GLY A 251 19.42 11.74 -32.66
C GLY A 251 18.78 10.75 -33.60
N LYS A 252 18.74 9.49 -33.19
CA LYS A 252 18.15 8.43 -34.01
C LYS A 252 16.65 8.64 -34.22
N ILE A 253 15.97 9.13 -33.19
CA ILE A 253 14.55 9.42 -33.28
C ILE A 253 14.29 10.50 -34.32
N TYR A 254 15.07 11.58 -34.25
CA TYR A 254 14.93 12.68 -35.20
C TYR A 254 15.02 12.19 -36.64
N THR A 255 16.03 11.36 -36.92
CA THR A 255 16.22 10.81 -38.26
C THR A 255 15.03 9.93 -38.65
N ALA A 256 14.60 9.07 -37.72
CA ALA A 256 13.49 8.16 -37.97
C ALA A 256 12.21 8.93 -38.26
N LEU A 257 12.04 10.07 -37.59
CA LEU A 257 10.85 10.89 -37.78
C LEU A 257 10.87 11.58 -39.14
N ARG A 258 12.06 11.80 -39.69
CA ARG A 258 12.17 12.40 -41.01
C ARG A 258 11.89 11.37 -42.10
N GLN A 259 12.28 10.13 -41.85
CA GLN A 259 12.05 9.05 -42.82
C GLN A 259 10.57 8.65 -42.84
N LEU A 260 9.88 8.86 -41.72
CA LEU A 260 8.45 8.56 -41.65
C LEU A 260 7.63 9.61 -42.40
N GLY A 261 8.28 10.73 -42.74
CA GLY A 261 7.69 11.72 -43.62
C GLY A 261 7.13 12.94 -42.91
N PHE A 262 7.54 13.17 -41.67
CA PHE A 262 7.10 14.35 -40.94
C PHE A 262 7.75 15.60 -41.56
N ASP A 263 6.97 16.68 -41.63
CA ASP A 263 7.40 17.89 -42.32
C ASP A 263 8.30 18.78 -41.47
N LYS A 264 8.17 18.69 -40.14
CA LYS A 264 8.99 19.48 -39.24
C LYS A 264 9.24 18.73 -37.94
N ILE A 265 10.52 18.65 -37.57
CA ILE A 265 10.93 17.96 -36.35
C ILE A 265 11.28 18.96 -35.25
N PHE A 266 10.35 19.14 -34.31
CA PHE A 266 10.56 19.96 -33.14
C PHE A 266 10.66 19.05 -31.90
N ASP A 267 10.56 19.64 -30.72
CA ASP A 267 10.76 18.89 -29.47
C ASP A 267 9.92 19.48 -28.34
N ILE A 268 9.29 18.63 -27.54
CA ILE A 268 8.43 19.08 -26.45
C ILE A 268 9.25 19.70 -25.33
N ASN A 269 10.52 19.33 -25.23
CA ASN A 269 11.40 19.93 -24.24
C ASN A 269 11.52 21.43 -24.46
N PHE A 270 11.29 21.87 -25.70
CA PHE A 270 11.18 23.29 -26.00
C PHE A 270 9.93 23.83 -25.32
N GLY A 271 8.86 23.04 -25.40
CA GLY A 271 7.62 23.40 -24.73
C GLY A 271 7.77 23.27 -23.22
N ALA A 272 8.71 22.42 -22.79
CA ALA A 272 8.98 22.26 -21.37
C ALA A 272 9.63 23.53 -20.83
N ASP A 273 10.49 24.15 -21.64
CA ASP A 273 11.11 25.41 -21.28
C ASP A 273 10.05 26.50 -21.24
N MET A 274 9.10 26.45 -22.17
CA MET A 274 7.98 27.39 -22.19
C MET A 274 7.19 27.33 -20.89
N THR A 275 6.81 26.11 -20.49
CA THR A 275 6.05 25.91 -19.27
C THR A 275 6.78 26.53 -18.08
N ILE A 276 8.09 26.36 -18.05
CA ILE A 276 8.91 26.91 -16.95
C ILE A 276 8.87 28.43 -17.00
N MET A 277 8.93 29.00 -18.19
CA MET A 277 8.82 30.46 -18.33
C MET A 277 7.50 30.94 -17.75
N GLU A 278 6.43 30.19 -18.02
CA GLU A 278 5.09 30.61 -17.64
C GLU A 278 4.68 30.15 -16.24
N GLU A 279 5.51 29.32 -15.62
CA GLU A 279 5.21 28.79 -14.29
C GLU A 279 6.16 29.38 -13.24
N ALA A 280 7.39 29.65 -13.64
CA ALA A 280 8.36 30.27 -12.76
C ALA A 280 7.98 31.72 -12.50
N THR A 281 7.45 32.37 -13.52
CA THR A 281 7.02 33.76 -13.40
C THR A 281 5.80 33.84 -12.47
N GLU A 282 4.92 32.85 -12.57
CA GLU A 282 3.72 32.82 -11.74
C GLU A 282 4.05 32.56 -10.27
N LEU A 283 5.06 31.72 -10.02
CA LEU A 283 5.51 31.47 -8.66
C LEU A 283 5.98 32.77 -8.01
N VAL A 284 6.74 33.55 -8.76
CA VAL A 284 7.21 34.85 -8.29
C VAL A 284 6.04 35.81 -8.11
N GLN A 285 5.07 35.72 -9.02
CA GLN A 285 3.87 36.55 -8.93
C GLN A 285 3.10 36.24 -7.65
N ARG A 286 2.93 34.95 -7.35
CA ARG A 286 2.16 34.54 -6.19
C ARG A 286 2.87 34.88 -4.88
N ILE A 287 4.20 34.97 -4.92
CA ILE A 287 4.97 35.38 -3.76
C ILE A 287 4.68 36.84 -3.43
N GLU A 288 4.67 37.69 -4.45
CA GLU A 288 4.47 39.12 -4.26
C GLU A 288 3.04 39.40 -3.81
N ASN A 289 2.09 38.63 -4.33
CA ASN A 289 0.69 38.76 -3.93
C ASN A 289 0.37 37.92 -2.70
N ASN A 290 1.38 37.18 -2.22
CA ASN A 290 1.20 36.29 -1.09
C ASN A 290 0.05 35.31 -1.30
N GLY A 291 0.25 34.38 -2.24
CA GLY A 291 -0.72 33.33 -2.51
C GLY A 291 -1.41 33.52 -3.85
N PRO A 292 -2.41 32.68 -4.13
CA PRO A 292 -2.89 31.63 -3.22
C PRO A 292 -1.91 30.44 -3.13
N PHE A 293 -1.35 30.22 -1.94
CA PHE A 293 -0.47 29.08 -1.72
C PHE A 293 -1.27 27.88 -1.23
N PRO A 294 -0.80 26.65 -1.56
CA PRO A 294 0.38 26.36 -2.38
C PRO A 294 0.05 26.43 -3.86
N MET A 295 1.07 26.53 -4.71
CA MET A 295 0.86 26.40 -6.15
C MET A 295 1.19 24.97 -6.57
N PHE A 296 0.23 24.30 -7.19
CA PHE A 296 0.43 22.97 -7.71
C PHE A 296 0.79 23.02 -9.19
N THR A 297 1.63 22.10 -9.63
CA THR A 297 1.93 21.95 -11.05
C THR A 297 0.68 21.45 -11.76
N SER A 298 0.63 21.61 -13.07
CA SER A 298 -0.56 21.27 -13.85
C SER A 298 -0.18 20.62 -15.20
N CYS A 299 1.04 20.11 -15.28
CA CYS A 299 1.54 19.52 -16.51
C CYS A 299 1.19 18.04 -16.65
N CYS A 300 0.79 17.42 -15.54
CA CYS A 300 0.41 16.01 -15.54
C CYS A 300 -1.11 15.86 -15.56
N PRO A 301 -1.68 15.48 -16.72
CA PRO A 301 -3.15 15.37 -16.80
C PRO A 301 -3.71 14.26 -15.93
N GLY A 302 -2.87 13.33 -15.49
CA GLY A 302 -3.28 12.30 -14.56
C GLY A 302 -3.57 12.95 -13.22
N TRP A 303 -2.66 13.84 -12.81
CA TRP A 303 -2.83 14.61 -11.58
C TRP A 303 -4.01 15.57 -11.69
N VAL A 304 -4.13 16.24 -12.83
CA VAL A 304 -5.26 17.15 -13.05
C VAL A 304 -6.57 16.40 -12.83
N ARG A 305 -6.70 15.25 -13.48
CA ARG A 305 -7.91 14.44 -13.35
C ARG A 305 -8.08 13.99 -11.90
N GLN A 306 -6.97 13.71 -11.22
CA GLN A 306 -7.01 13.31 -9.82
C GLN A 306 -7.54 14.47 -8.97
N ALA A 307 -7.12 15.69 -9.30
CA ALA A 307 -7.59 16.88 -8.61
C ALA A 307 -9.05 17.14 -8.95
N GLU A 308 -9.39 16.96 -10.22
CA GLU A 308 -10.77 17.18 -10.67
C GLU A 308 -11.73 16.21 -10.00
N ASN A 309 -11.26 15.00 -9.71
CA ASN A 309 -12.15 13.94 -9.22
C ASN A 309 -12.14 13.76 -7.71
N TYR A 310 -11.12 14.30 -7.03
CA TYR A 310 -10.95 14.07 -5.60
C TYR A 310 -10.69 15.34 -4.81
N TYR A 311 -10.04 16.32 -5.43
CA TYR A 311 -9.66 17.55 -4.73
C TYR A 311 -9.93 18.79 -5.58
N PRO A 312 -11.21 19.01 -5.94
CA PRO A 312 -11.59 20.14 -6.80
C PRO A 312 -11.29 21.49 -6.15
N GLU A 313 -11.19 21.51 -4.83
CA GLU A 313 -10.90 22.74 -4.10
C GLU A 313 -9.50 23.25 -4.40
N LEU A 314 -8.66 22.40 -5.01
CA LEU A 314 -7.28 22.76 -5.31
C LEU A 314 -7.09 23.20 -6.75
N LEU A 315 -8.15 23.15 -7.55
CA LEU A 315 -8.04 23.44 -8.98
C LEU A 315 -7.61 24.87 -9.23
N ASN A 316 -8.01 25.79 -8.35
CA ASN A 316 -7.64 27.19 -8.49
C ASN A 316 -6.20 27.41 -8.02
N ASN A 317 -5.64 26.40 -7.35
CA ASN A 317 -4.25 26.46 -6.89
C ASN A 317 -3.27 25.94 -7.93
N LEU A 318 -3.78 25.20 -8.91
CA LEU A 318 -2.95 24.71 -10.01
C LEU A 318 -2.39 25.85 -10.82
N SER A 319 -1.17 25.69 -11.32
CA SER A 319 -0.55 26.69 -12.18
C SER A 319 -1.36 26.86 -13.45
N SER A 320 -1.57 28.12 -13.84
CA SER A 320 -2.34 28.43 -15.04
C SER A 320 -1.56 28.09 -16.31
N ALA A 321 -0.27 27.84 -16.16
CA ALA A 321 0.57 27.49 -17.30
C ALA A 321 0.13 26.18 -17.92
N LYS A 322 -0.01 26.17 -19.25
CA LYS A 322 -0.35 24.95 -19.97
C LYS A 322 0.79 23.96 -19.89
N SER A 323 0.47 22.69 -20.08
CA SER A 323 1.49 21.65 -20.06
C SER A 323 2.44 21.87 -21.24
N PRO A 324 3.69 21.40 -21.12
CA PRO A 324 4.65 21.49 -22.22
C PRO A 324 4.08 21.03 -23.57
N GLN A 325 3.13 20.09 -23.52
CA GLN A 325 2.51 19.58 -24.73
C GLN A 325 1.52 20.60 -25.28
N GLN A 326 0.62 21.06 -24.43
CA GLN A 326 -0.43 21.99 -24.85
C GLN A 326 0.15 23.37 -25.11
N ILE A 327 1.16 23.75 -24.34
CA ILE A 327 1.79 25.05 -24.50
C ILE A 327 2.60 25.06 -25.79
N PHE A 328 3.14 23.90 -26.15
CA PHE A 328 3.84 23.75 -27.43
C PHE A 328 2.85 23.83 -28.58
N GLY A 329 1.73 23.12 -28.44
CA GLY A 329 0.70 23.09 -29.46
C GLY A 329 0.13 24.46 -29.76
N THR A 330 -0.05 25.26 -28.71
CA THR A 330 -0.57 26.61 -28.86
C THR A 330 0.35 27.46 -29.73
N ALA A 331 1.65 27.36 -29.47
CA ALA A 331 2.63 28.13 -30.22
C ALA A 331 2.80 27.58 -31.64
N SER A 332 2.44 26.33 -31.84
CA SER A 332 2.60 25.68 -33.15
C SER A 332 1.57 26.20 -34.16
N LYS A 333 0.46 26.72 -33.67
CA LYS A 333 -0.61 27.21 -34.54
C LYS A 333 -0.63 28.74 -34.64
N THR A 334 0.26 29.40 -33.89
CA THR A 334 0.30 30.86 -33.86
C THR A 334 1.69 31.41 -34.17
N TYR A 335 2.68 31.01 -33.39
CA TYR A 335 4.05 31.51 -33.57
C TYR A 335 4.71 30.90 -34.80
N TYR A 336 4.65 29.59 -34.92
CA TYR A 336 5.34 28.87 -35.99
C TYR A 336 4.88 29.36 -37.39
N PRO A 337 3.57 29.58 -37.58
CA PRO A 337 3.12 30.20 -38.83
C PRO A 337 3.74 31.58 -39.08
N SER A 338 3.88 32.36 -38.01
CA SER A 338 4.41 33.72 -38.13
C SER A 338 5.88 33.74 -38.54
N ILE A 339 6.53 32.59 -38.44
CA ILE A 339 7.93 32.46 -38.81
C ILE A 339 8.14 31.42 -39.92
N SER A 340 7.06 31.04 -40.59
CA SER A 340 7.13 30.04 -41.65
C SER A 340 6.19 30.38 -42.81
N GLY A 341 5.14 31.15 -42.53
CA GLY A 341 4.20 31.54 -43.55
C GLY A 341 3.09 30.53 -43.76
N LEU A 342 3.19 29.39 -43.08
CA LEU A 342 2.18 28.35 -43.19
C LEU A 342 0.81 28.85 -42.77
N ASP A 343 -0.23 28.32 -43.40
CA ASP A 343 -1.59 28.60 -42.98
C ASP A 343 -1.87 27.79 -41.71
N PRO A 344 -2.22 28.45 -40.60
CA PRO A 344 -2.43 27.75 -39.33
C PRO A 344 -3.34 26.52 -39.43
N LYS A 345 -4.37 26.59 -40.27
CA LYS A 345 -5.32 25.48 -40.38
C LYS A 345 -4.68 24.25 -41.03
N ASN A 346 -3.62 24.48 -41.81
CA ASN A 346 -2.91 23.38 -42.46
C ASN A 346 -1.87 22.76 -41.53
N VAL A 347 -1.56 23.44 -40.43
CA VAL A 347 -0.62 22.92 -39.45
C VAL A 347 -1.27 21.78 -38.68
N PHE A 348 -0.60 20.62 -38.70
CA PHE A 348 -1.03 19.45 -37.94
C PHE A 348 0.06 19.11 -36.93
N THR A 349 -0.25 19.30 -35.65
CA THR A 349 0.73 19.11 -34.59
C THR A 349 0.55 17.75 -33.90
N VAL A 350 1.60 16.94 -33.98
CA VAL A 350 1.63 15.62 -33.36
C VAL A 350 2.67 15.60 -32.26
N THR A 351 2.37 14.90 -31.18
CA THR A 351 3.33 14.72 -30.10
C THR A 351 3.58 13.24 -29.86
N VAL A 352 4.79 12.92 -29.41
CA VAL A 352 5.13 11.57 -28.98
C VAL A 352 5.33 11.58 -27.47
N MET A 353 4.45 10.88 -26.76
CA MET A 353 4.44 10.92 -25.30
C MET A 353 4.68 9.53 -24.71
N PRO A 354 5.12 9.48 -23.44
CA PRO A 354 5.18 8.22 -22.69
C PRO A 354 3.86 7.97 -21.97
N CYS A 355 2.82 8.69 -22.39
CA CYS A 355 1.62 8.85 -21.60
C CYS A 355 0.34 8.57 -22.37
N THR A 356 -0.58 7.85 -21.74
CA THR A 356 -1.91 7.63 -22.31
C THR A 356 -2.83 8.78 -21.95
N SER A 357 -2.60 9.40 -20.79
CA SER A 357 -3.44 10.49 -20.31
C SER A 357 -3.33 11.70 -21.23
N LYS A 358 -2.15 11.89 -21.82
CA LYS A 358 -1.91 13.04 -22.70
C LYS A 358 -2.88 13.06 -23.88
N LYS A 359 -3.41 11.90 -24.23
CA LYS A 359 -4.41 11.82 -25.30
C LYS A 359 -5.69 12.51 -24.86
N PHE A 360 -6.04 12.39 -23.58
CA PHE A 360 -7.25 12.99 -23.06
C PHE A 360 -7.09 14.51 -22.92
N GLU A 361 -5.89 14.93 -22.53
CA GLU A 361 -5.60 16.34 -22.37
C GLU A 361 -5.66 17.07 -23.72
N ALA A 362 -5.14 16.43 -24.76
CA ALA A 362 -5.05 17.05 -26.07
C ALA A 362 -6.42 17.23 -26.72
N ASP A 363 -7.34 16.32 -26.38
CA ASP A 363 -8.68 16.34 -26.95
C ASP A 363 -9.68 17.03 -26.03
N ARG A 364 -9.18 17.74 -25.01
CA ARG A 364 -10.04 18.57 -24.18
C ARG A 364 -10.68 19.64 -25.05
N PRO A 365 -12.01 19.81 -24.98
CA PRO A 365 -12.71 20.73 -25.87
C PRO A 365 -12.11 22.14 -25.93
N GLN A 366 -11.74 22.70 -24.77
CA GLN A 366 -11.25 24.07 -24.72
C GLN A 366 -9.77 24.19 -25.07
N MET A 367 -9.09 23.06 -25.24
CA MET A 367 -7.68 23.08 -25.63
C MET A 367 -7.55 23.42 -27.11
N GLU A 368 -7.97 24.63 -27.45
CA GLU A 368 -7.91 25.11 -28.83
C GLU A 368 -8.12 26.62 -28.87
N LYS A 369 -8.03 27.19 -30.06
CA LYS A 369 -8.25 28.62 -30.23
C LYS A 369 -8.49 28.92 -31.71
N ASP A 370 -9.54 29.70 -31.98
CA ASP A 370 -9.90 30.05 -33.35
C ASP A 370 -10.13 28.78 -34.18
N GLY A 371 -10.72 27.77 -33.55
CA GLY A 371 -11.03 26.53 -34.22
C GLY A 371 -9.84 25.61 -34.38
N LEU A 372 -8.66 26.06 -33.96
CA LEU A 372 -7.43 25.30 -34.15
C LEU A 372 -7.00 24.59 -32.87
N ARG A 373 -6.99 23.26 -32.93
CA ARG A 373 -6.54 22.44 -31.81
C ARG A 373 -5.08 22.75 -31.47
N ASP A 374 -4.77 22.85 -30.19
CA ASP A 374 -3.38 22.97 -29.76
C ASP A 374 -2.60 21.77 -30.29
N ILE A 375 -3.10 20.59 -29.94
CA ILE A 375 -2.53 19.32 -30.39
C ILE A 375 -3.59 18.52 -31.11
N ASP A 376 -3.23 18.02 -32.30
CA ASP A 376 -4.18 17.31 -33.16
C ASP A 376 -4.09 15.80 -32.98
N ALA A 377 -2.93 15.32 -32.52
CA ALA A 377 -2.74 13.89 -32.30
C ALA A 377 -1.62 13.61 -31.31
N VAL A 378 -1.82 12.59 -30.49
CA VAL A 378 -0.81 12.12 -29.54
C VAL A 378 -0.61 10.62 -29.74
N ILE A 379 0.64 10.22 -29.96
CA ILE A 379 0.97 8.80 -30.09
C ILE A 379 1.98 8.42 -29.03
N THR A 380 1.74 7.29 -28.38
CA THR A 380 2.62 6.83 -27.31
C THR A 380 3.97 6.39 -27.87
N THR A 381 4.93 6.16 -26.97
CA THR A 381 6.23 5.64 -27.37
C THR A 381 6.07 4.33 -28.11
N ARG A 382 5.12 3.51 -27.65
CA ARG A 382 4.84 2.22 -28.27
C ARG A 382 4.29 2.38 -29.68
N GLU A 383 3.50 3.43 -29.89
CA GLU A 383 2.89 3.68 -31.19
C GLU A 383 3.93 4.13 -32.20
N LEU A 384 4.80 5.05 -31.79
CA LEU A 384 5.88 5.49 -32.66
C LEU A 384 6.80 4.32 -33.01
N ALA A 385 7.05 3.46 -32.03
CA ALA A 385 7.90 2.30 -32.23
C ALA A 385 7.32 1.40 -33.32
N LYS A 386 6.01 1.16 -33.24
CA LYS A 386 5.33 0.35 -34.25
C LYS A 386 5.37 1.05 -35.59
N MET A 387 5.19 2.36 -35.58
CA MET A 387 5.19 3.16 -36.79
C MET A 387 6.55 3.08 -37.49
N ILE A 388 7.61 3.03 -36.70
CA ILE A 388 8.97 2.91 -37.21
C ILE A 388 9.21 1.54 -37.83
N LYS A 389 8.72 0.51 -37.16
CA LYS A 389 8.93 -0.87 -37.61
C LYS A 389 8.12 -1.18 -38.86
N ASP A 390 6.88 -0.70 -38.91
CA ASP A 390 6.02 -0.90 -40.07
C ASP A 390 6.63 -0.24 -41.31
N ALA A 391 7.38 0.83 -41.09
CA ALA A 391 8.06 1.54 -42.17
C ALA A 391 9.39 0.89 -42.52
N LYS A 392 9.74 -0.17 -41.80
CA LYS A 392 10.98 -0.92 -42.04
C LYS A 392 12.20 -0.02 -41.93
N ILE A 393 12.18 0.86 -40.93
CA ILE A 393 13.30 1.76 -40.67
C ILE A 393 14.30 1.10 -39.73
N PRO A 394 15.54 0.85 -40.20
CA PRO A 394 16.53 0.24 -39.31
C PRO A 394 16.97 1.22 -38.22
N PHE A 395 16.17 1.32 -37.16
CA PHE A 395 16.36 2.34 -36.13
C PHE A 395 17.74 2.27 -35.46
N ALA A 396 18.12 1.07 -35.03
CA ALA A 396 19.37 0.89 -34.28
C ALA A 396 20.60 1.25 -35.10
N LYS A 397 20.45 1.31 -36.43
CA LYS A 397 21.56 1.57 -37.33
C LYS A 397 21.48 2.97 -37.95
N LEU A 398 20.54 3.79 -37.50
CA LEU A 398 20.41 5.15 -38.00
C LEU A 398 21.54 6.03 -37.50
N GLU A 399 21.90 7.03 -38.29
CA GLU A 399 22.88 8.03 -37.89
C GLU A 399 22.15 9.23 -37.28
N ASP A 400 22.83 9.93 -36.37
CA ASP A 400 22.20 11.03 -35.65
C ASP A 400 21.97 12.25 -36.54
N SER A 401 20.76 12.80 -36.47
CA SER A 401 20.45 14.09 -37.06
C SER A 401 19.92 15.01 -35.95
N GLU A 402 19.82 16.30 -36.26
CA GLU A 402 19.33 17.28 -35.29
C GLU A 402 17.90 17.69 -35.61
N ALA A 403 17.22 18.25 -34.61
CA ALA A 403 15.88 18.78 -34.79
C ALA A 403 15.95 20.18 -35.36
N ASP A 404 14.80 20.69 -35.81
CA ASP A 404 14.71 22.07 -36.28
C ASP A 404 14.67 22.99 -35.06
N PRO A 405 15.60 23.96 -34.98
CA PRO A 405 15.82 24.69 -33.72
C PRO A 405 14.76 25.74 -33.38
N ALA A 406 13.88 26.06 -34.32
CA ALA A 406 12.88 27.11 -34.09
C ALA A 406 12.01 26.80 -32.86
N MET A 407 11.68 25.53 -32.69
CA MET A 407 10.94 25.06 -31.52
C MET A 407 11.46 23.69 -31.08
N GLY A 408 12.74 23.44 -31.35
CA GLY A 408 13.35 22.15 -31.09
C GLY A 408 14.49 22.19 -30.10
N GLU A 409 14.99 23.39 -29.82
CA GLU A 409 16.05 23.56 -28.83
C GLU A 409 15.47 23.40 -27.43
N TYR A 410 16.28 22.88 -26.51
CA TYR A 410 15.85 22.80 -25.12
C TYR A 410 17.05 22.84 -24.17
N SER A 411 16.86 23.51 -23.04
CA SER A 411 17.86 23.55 -21.99
C SER A 411 17.81 22.27 -21.17
N GLY A 412 18.81 22.08 -20.32
CA GLY A 412 18.87 20.91 -19.45
C GLY A 412 17.74 20.90 -18.43
N ALA A 413 17.19 22.08 -18.15
CA ALA A 413 16.07 22.19 -17.22
C ALA A 413 14.84 21.50 -17.79
N GLY A 414 14.55 21.80 -19.06
CA GLY A 414 13.42 21.17 -19.74
C GLY A 414 13.69 19.72 -20.05
N ALA A 415 14.96 19.32 -19.98
CA ALA A 415 15.35 17.96 -20.34
C ALA A 415 14.99 16.96 -19.24
N ILE A 416 15.03 17.40 -17.99
CA ILE A 416 14.80 16.51 -16.86
C ILE A 416 13.32 16.39 -16.49
N PHE A 417 12.46 17.08 -17.24
CA PHE A 417 11.02 17.06 -17.01
C PHE A 417 10.45 15.66 -16.84
N GLY A 418 11.01 14.70 -17.58
CA GLY A 418 10.49 13.35 -17.61
C GLY A 418 10.67 12.55 -16.33
N ALA A 419 11.42 13.11 -15.38
CA ALA A 419 11.71 12.42 -14.12
C ALA A 419 11.07 13.17 -12.94
N THR A 420 10.60 12.41 -11.95
CA THR A 420 10.02 12.98 -10.74
C THR A 420 10.98 13.96 -10.09
N GLY A 421 10.48 15.17 -9.83
CA GLY A 421 11.30 16.25 -9.31
C GLY A 421 11.89 17.10 -10.40
N GLY A 422 11.74 16.67 -11.65
CA GLY A 422 12.28 17.39 -12.78
C GLY A 422 11.70 18.78 -12.93
N VAL A 423 10.38 18.86 -13.04
CA VAL A 423 9.68 20.13 -13.19
C VAL A 423 10.01 21.04 -12.03
N MET A 424 10.02 20.48 -10.83
CA MET A 424 10.35 21.22 -9.62
C MET A 424 11.70 21.90 -9.76
N GLU A 425 12.72 21.11 -10.05
CA GLU A 425 14.08 21.63 -10.17
C GLU A 425 14.18 22.66 -11.27
N ALA A 426 13.61 22.33 -12.43
CA ALA A 426 13.64 23.22 -13.59
C ALA A 426 12.98 24.55 -13.25
N ALA A 427 11.90 24.49 -12.47
CA ALA A 427 11.17 25.69 -12.10
C ALA A 427 11.96 26.55 -11.13
N LEU A 428 12.68 25.90 -10.22
CA LEU A 428 13.46 26.62 -9.21
C LEU A 428 14.68 27.30 -9.84
N ARG A 429 15.21 26.72 -10.91
CA ARG A 429 16.37 27.30 -11.59
C ARG A 429 16.04 28.65 -12.22
N SER A 430 14.77 28.82 -12.62
CA SER A 430 14.33 30.05 -13.25
C SER A 430 13.71 31.00 -12.25
N ALA A 431 12.92 30.45 -11.33
CA ALA A 431 12.21 31.26 -10.33
C ALA A 431 13.19 32.03 -9.45
N LYS A 432 14.31 31.40 -9.11
CA LYS A 432 15.30 32.01 -8.24
C LYS A 432 16.04 33.13 -8.98
N ASP A 433 16.32 32.90 -10.26
CA ASP A 433 16.94 33.91 -11.10
C ASP A 433 15.98 35.07 -11.32
N PHE A 434 14.70 34.76 -11.45
CA PHE A 434 13.68 35.79 -11.65
C PHE A 434 13.48 36.63 -10.38
N ALA A 435 13.30 35.95 -9.25
CA ALA A 435 12.98 36.62 -7.99
C ALA A 435 14.16 37.47 -7.49
N GLU A 436 15.37 36.94 -7.64
CA GLU A 436 16.57 37.63 -7.18
C GLU A 436 17.22 38.47 -8.30
N ASN A 437 16.67 38.37 -9.50
CA ASN A 437 17.20 39.09 -10.67
C ASN A 437 18.69 38.88 -10.84
N ALA A 438 19.09 37.62 -10.99
CA ALA A 438 20.50 37.26 -11.09
C ALA A 438 20.70 36.06 -11.99
N GLU A 439 21.94 35.58 -12.05
CA GLU A 439 22.31 34.40 -12.82
C GLU A 439 23.13 33.46 -11.94
N LEU A 440 22.43 32.76 -11.05
CA LEU A 440 23.08 31.95 -10.03
C LEU A 440 23.77 30.73 -10.61
N GLU A 441 24.90 30.37 -10.03
CA GLU A 441 25.71 29.25 -10.50
C GLU A 441 25.16 27.92 -9.99
N ASP A 442 24.82 27.87 -8.70
CA ASP A 442 24.29 26.66 -8.09
C ASP A 442 22.86 26.44 -8.53
N ILE A 443 22.64 25.39 -9.32
CA ILE A 443 21.33 25.14 -9.94
C ILE A 443 20.84 23.70 -9.72
N GLU A 444 21.68 22.87 -9.12
CA GLU A 444 21.34 21.46 -8.92
C GLU A 444 20.63 21.22 -7.60
N TYR A 445 19.34 20.90 -7.68
CA TYR A 445 18.52 20.59 -6.51
C TYR A 445 18.31 19.09 -6.39
N LYS A 446 19.35 18.39 -5.91
CA LYS A 446 19.29 16.93 -5.81
C LYS A 446 18.31 16.49 -4.71
N GLN A 447 17.92 17.42 -3.86
CA GLN A 447 17.03 17.10 -2.75
C GLN A 447 15.66 16.61 -3.22
N VAL A 448 15.18 17.15 -4.33
CA VAL A 448 13.85 16.83 -4.83
C VAL A 448 13.87 15.68 -5.84
N ARG A 449 15.05 15.11 -6.07
CA ARG A 449 15.19 13.98 -6.98
C ARG A 449 15.03 12.65 -6.25
N GLY A 450 14.98 11.56 -7.04
CA GLY A 450 14.91 10.22 -6.49
C GLY A 450 13.53 9.61 -6.57
N LEU A 451 13.40 8.40 -6.03
CA LEU A 451 12.17 7.61 -6.16
C LEU A 451 11.32 7.58 -4.89
N ASN A 452 11.72 8.37 -3.90
CA ASN A 452 10.91 8.49 -2.69
C ASN A 452 9.52 9.01 -3.04
N GLY A 453 8.50 8.43 -2.41
CA GLY A 453 7.11 8.76 -2.71
C GLY A 453 6.79 10.23 -2.50
N ILE A 454 7.23 10.75 -1.35
CA ILE A 454 7.04 12.16 -1.01
C ILE A 454 8.38 12.79 -0.67
N LYS A 455 8.69 13.89 -1.34
CA LYS A 455 9.97 14.58 -1.17
C LYS A 455 9.72 16.06 -0.92
N GLU A 456 10.36 16.59 0.12
CA GLU A 456 10.19 17.98 0.51
C GLU A 456 11.54 18.64 0.72
N ALA A 457 11.59 19.96 0.50
CA ALA A 457 12.83 20.71 0.66
C ALA A 457 12.53 22.16 1.00
N GLU A 458 13.45 22.79 1.74
CA GLU A 458 13.35 24.20 2.07
C GLU A 458 14.29 24.99 1.16
N VAL A 459 13.72 25.89 0.35
CA VAL A 459 14.49 26.68 -0.60
C VAL A 459 14.46 28.16 -0.22
N GLU A 460 15.57 28.85 -0.50
CA GLU A 460 15.68 30.28 -0.24
C GLU A 460 15.53 31.06 -1.55
N ILE A 461 14.62 32.03 -1.55
CA ILE A 461 14.36 32.85 -2.73
C ILE A 461 14.22 34.31 -2.33
N ASN A 462 15.20 35.12 -2.75
CA ASN A 462 15.21 36.55 -2.45
C ASN A 462 15.15 36.80 -0.95
N ASN A 463 16.07 36.17 -0.23
CA ASN A 463 16.18 36.32 1.22
C ASN A 463 14.88 35.98 1.95
N ASN A 464 14.30 34.84 1.59
CA ASN A 464 13.13 34.31 2.29
C ASN A 464 12.99 32.81 2.07
N LYS A 465 12.65 32.08 3.13
CA LYS A 465 12.52 30.64 3.06
C LYS A 465 11.14 30.22 2.55
N TYR A 466 11.13 29.24 1.65
CA TYR A 466 9.90 28.69 1.10
C TYR A 466 9.97 27.16 1.07
N ASN A 467 8.83 26.54 1.31
CA ASN A 467 8.74 25.08 1.36
C ASN A 467 8.15 24.50 0.09
N VAL A 468 8.90 23.59 -0.53
CA VAL A 468 8.43 22.89 -1.73
C VAL A 468 8.26 21.41 -1.42
N ALA A 469 7.40 20.77 -2.20
CA ALA A 469 7.21 19.33 -2.09
C ALA A 469 7.06 18.71 -3.48
N VAL A 470 7.49 17.46 -3.62
CA VAL A 470 7.36 16.74 -4.87
C VAL A 470 6.67 15.41 -4.63
N ILE A 471 5.43 15.31 -5.08
CA ILE A 471 4.62 14.11 -4.93
C ILE A 471 4.89 13.15 -6.08
N ASN A 472 5.54 12.03 -5.75
CA ASN A 472 5.97 11.06 -6.75
C ASN A 472 5.02 9.88 -6.84
N GLY A 473 3.96 10.04 -7.65
CA GLY A 473 2.96 9.01 -7.83
C GLY A 473 1.61 9.39 -7.24
N ALA A 474 0.54 8.95 -7.90
CA ALA A 474 -0.81 9.32 -7.53
C ALA A 474 -1.20 8.78 -6.16
N SER A 475 -0.73 7.58 -5.84
CA SER A 475 -1.01 6.97 -4.55
C SER A 475 -0.39 7.81 -3.44
N ASN A 476 0.72 8.48 -3.73
CA ASN A 476 1.41 9.31 -2.75
C ASN A 476 0.74 10.67 -2.60
N LEU A 477 -0.02 11.09 -3.61
CA LEU A 477 -0.82 12.30 -3.50
C LEU A 477 -1.93 12.06 -2.48
N PHE A 478 -2.59 10.91 -2.60
CA PHE A 478 -3.63 10.53 -1.64
C PHE A 478 -3.08 10.48 -0.22
N LYS A 479 -1.91 9.85 -0.06
CA LYS A 479 -1.26 9.76 1.24
C LYS A 479 -0.89 11.13 1.77
N PHE A 480 -0.37 11.97 0.88
CA PHE A 480 0.07 13.33 1.25
C PHE A 480 -1.07 14.15 1.81
N MET A 481 -2.24 14.04 1.19
CA MET A 481 -3.41 14.81 1.60
C MET A 481 -4.12 14.19 2.80
N LYS A 482 -4.42 12.89 2.71
CA LYS A 482 -5.20 12.20 3.74
C LYS A 482 -4.51 12.22 5.11
N SER A 483 -3.20 12.04 5.12
CA SER A 483 -2.43 11.98 6.35
C SER A 483 -2.28 13.36 7.00
N GLY A 484 -2.64 14.40 6.26
CA GLY A 484 -2.60 15.75 6.77
C GLY A 484 -1.23 16.39 6.67
N MET A 485 -0.37 15.83 5.82
CA MET A 485 0.96 16.39 5.60
C MET A 485 0.89 17.79 4.99
N ILE A 486 -0.16 18.04 4.22
CA ILE A 486 -0.36 19.34 3.58
C ILE A 486 -0.51 20.44 4.63
N ASN A 487 -1.17 20.11 5.74
CA ASN A 487 -1.48 21.09 6.77
C ASN A 487 -0.40 21.21 7.84
N GLU A 488 0.57 20.31 7.80
CA GLU A 488 1.64 20.31 8.80
C GLU A 488 2.52 21.53 8.66
N LYS A 489 2.59 22.09 7.45
CA LYS A 489 3.31 23.32 7.21
C LYS A 489 2.75 24.03 5.98
N GLN A 490 3.21 25.26 5.76
CA GLN A 490 2.80 26.03 4.59
C GLN A 490 3.72 25.77 3.42
N TYR A 491 3.23 24.98 2.46
CA TYR A 491 3.97 24.75 1.22
C TYR A 491 3.65 25.86 0.23
N HIS A 492 4.61 26.18 -0.63
CA HIS A 492 4.47 27.28 -1.57
C HIS A 492 4.43 26.81 -3.02
N PHE A 493 4.97 25.62 -3.28
CA PHE A 493 5.05 25.09 -4.63
C PHE A 493 5.21 23.58 -4.61
N ILE A 494 4.22 22.87 -5.12
CA ILE A 494 4.19 21.41 -5.07
C ILE A 494 4.09 20.76 -6.45
N GLU A 495 5.01 19.85 -6.74
CA GLU A 495 4.96 19.04 -7.95
C GLU A 495 4.15 17.77 -7.70
N VAL A 496 3.36 17.37 -8.68
CA VAL A 496 2.59 16.14 -8.59
C VAL A 496 2.60 15.38 -9.91
N MET A 497 3.23 14.19 -9.88
CA MET A 497 3.20 13.28 -11.01
C MET A 497 2.34 12.07 -10.65
N ALA A 498 1.56 11.59 -11.62
CA ALA A 498 0.65 10.48 -11.40
C ALA A 498 1.40 9.14 -11.38
N CYS A 499 2.36 8.99 -12.28
CA CYS A 499 3.13 7.76 -12.38
C CYS A 499 4.40 7.84 -11.55
N HIS A 500 4.59 6.86 -10.67
CA HIS A 500 5.76 6.80 -9.80
C HIS A 500 7.04 6.71 -10.62
N GLY A 501 8.01 7.56 -10.28
CA GLY A 501 9.25 7.65 -11.02
C GLY A 501 9.21 8.75 -12.06
N GLY A 502 8.01 9.22 -12.36
CA GLY A 502 7.81 10.28 -13.34
C GLY A 502 7.38 9.74 -14.69
N CYS A 503 7.40 10.59 -15.70
CA CYS A 503 6.89 10.21 -17.01
C CYS A 503 7.74 9.13 -17.67
N VAL A 504 8.94 8.91 -17.17
CA VAL A 504 9.77 7.80 -17.63
C VAL A 504 9.09 6.46 -17.35
N ASN A 505 8.13 6.46 -16.43
CA ASN A 505 7.33 5.29 -16.11
C ASN A 505 5.88 5.47 -16.53
N GLY A 506 5.66 6.30 -17.56
CA GLY A 506 4.32 6.59 -18.03
C GLY A 506 3.60 5.37 -18.58
N GLY A 507 2.30 5.52 -18.79
CA GLY A 507 1.47 4.41 -19.24
C GLY A 507 1.61 4.10 -20.72
N GLY A 508 2.28 4.99 -21.46
CA GLY A 508 2.50 4.79 -22.88
C GLY A 508 3.91 4.30 -23.16
N GLN A 509 4.64 3.96 -22.10
CA GLN A 509 6.02 3.53 -22.24
C GLN A 509 6.12 2.07 -22.68
N PRO A 510 7.31 1.64 -23.13
CA PRO A 510 7.52 0.24 -23.51
C PRO A 510 7.25 -0.73 -22.37
N HIS A 511 6.72 -1.90 -22.69
CA HIS A 511 6.51 -2.95 -21.71
C HIS A 511 7.84 -3.59 -21.33
N VAL A 512 8.04 -3.77 -20.03
CA VAL A 512 9.21 -4.46 -19.51
C VAL A 512 8.77 -5.80 -18.91
N ASN A 513 9.37 -6.88 -19.38
CA ASN A 513 9.04 -8.20 -18.87
C ASN A 513 9.43 -8.31 -17.39
N PRO A 514 8.62 -9.03 -16.59
CA PRO A 514 8.86 -9.11 -15.14
C PRO A 514 10.27 -9.51 -14.73
N LYS A 515 10.94 -10.33 -15.54
CA LYS A 515 12.29 -10.79 -15.20
C LYS A 515 13.32 -9.69 -15.41
N ASP A 516 12.99 -8.71 -16.26
CA ASP A 516 13.88 -7.57 -16.49
C ASP A 516 13.70 -6.50 -15.42
N LEU A 517 12.47 -6.35 -14.93
CA LEU A 517 12.18 -5.40 -13.86
C LEU A 517 12.95 -5.76 -12.59
N GLU A 518 13.24 -7.05 -12.42
CA GLU A 518 14.02 -7.50 -11.29
C GLU A 518 15.49 -7.14 -11.45
N LYS A 519 15.96 -7.15 -12.69
CA LYS A 519 17.37 -6.94 -12.98
C LYS A 519 17.71 -5.46 -13.26
N VAL A 520 16.69 -4.67 -13.60
CA VAL A 520 16.89 -3.28 -13.97
C VAL A 520 15.93 -2.35 -13.24
N ASP A 521 16.47 -1.24 -12.73
CA ASP A 521 15.65 -0.20 -12.12
C ASP A 521 15.18 0.75 -13.21
N ILE A 522 14.12 0.34 -13.91
CA ILE A 522 13.67 1.01 -15.13
C ILE A 522 13.46 2.51 -14.92
N LYS A 523 13.00 2.90 -13.74
CA LYS A 523 12.69 4.29 -13.47
C LYS A 523 13.95 5.16 -13.40
N LYS A 524 14.98 4.64 -12.75
CA LYS A 524 16.23 5.38 -12.58
C LYS A 524 17.12 5.30 -13.83
N VAL A 525 17.10 4.14 -14.48
CA VAL A 525 17.91 3.94 -15.67
C VAL A 525 17.41 4.83 -16.81
N ARG A 526 16.10 5.05 -16.86
CA ARG A 526 15.51 5.91 -17.87
C ARG A 526 15.75 7.38 -17.55
N ALA A 527 15.59 7.74 -16.28
CA ALA A 527 15.76 9.11 -15.84
C ALA A 527 17.22 9.56 -15.98
N SER A 528 18.14 8.61 -15.81
CA SER A 528 19.57 8.91 -15.89
C SER A 528 19.90 9.53 -17.25
N VAL A 529 19.31 9.00 -18.31
CA VAL A 529 19.49 9.53 -19.65
C VAL A 529 19.16 11.03 -19.68
N LEU A 530 18.10 11.40 -18.99
CA LEU A 530 17.64 12.78 -18.99
C LEU A 530 18.59 13.67 -18.18
N TYR A 531 18.99 13.21 -17.01
CA TYR A 531 19.89 13.99 -16.17
C TYR A 531 21.27 14.13 -16.82
N ASN A 532 21.68 13.10 -17.56
CA ASN A 532 22.96 13.13 -18.26
C ASN A 532 22.97 14.21 -19.34
N GLN A 533 21.81 14.42 -19.97
CA GLN A 533 21.67 15.47 -20.97
C GLN A 533 21.73 16.84 -20.31
N ASP A 534 21.14 16.94 -19.12
CA ASP A 534 21.17 18.19 -18.35
C ASP A 534 22.60 18.57 -17.98
N GLU A 535 23.40 17.57 -17.61
CA GLU A 535 24.76 17.80 -17.15
C GLU A 535 25.68 18.29 -18.26
N HIS A 536 25.42 17.83 -19.48
CA HIS A 536 26.34 18.07 -20.60
C HIS A 536 25.83 19.16 -21.56
N LEU A 537 24.77 19.86 -21.16
CA LEU A 537 24.20 20.93 -21.97
C LEU A 537 24.74 22.30 -21.56
N SER A 538 24.98 23.15 -22.55
CA SER A 538 25.48 24.50 -22.29
C SER A 538 24.45 25.30 -21.52
N LYS A 539 23.20 25.25 -21.97
CA LYS A 539 22.09 25.92 -21.30
C LYS A 539 21.38 24.94 -20.37
N ARG A 540 21.39 25.25 -19.08
CA ARG A 540 20.74 24.41 -18.07
C ARG A 540 19.58 25.14 -17.39
N LYS A 541 19.20 26.28 -17.95
CA LYS A 541 18.07 27.05 -17.47
C LYS A 541 17.09 27.31 -18.62
N SER A 542 15.80 27.24 -18.32
CA SER A 542 14.77 27.39 -19.35
C SER A 542 14.85 28.75 -20.04
N HIS A 543 15.04 29.81 -19.26
CA HIS A 543 15.05 31.16 -19.81
C HIS A 543 16.34 31.49 -20.55
N GLU A 544 17.27 30.53 -20.59
CA GLU A 544 18.50 30.67 -21.36
C GLU A 544 18.40 29.98 -22.71
N ASN A 545 17.20 29.53 -23.05
CA ASN A 545 16.95 28.89 -24.34
C ASN A 545 16.86 29.95 -25.44
N THR A 546 17.92 30.07 -26.25
CA THR A 546 18.03 31.12 -27.26
C THR A 546 16.83 31.15 -28.21
N ALA A 547 16.46 29.98 -28.73
CA ALA A 547 15.33 29.86 -29.64
C ALA A 547 14.03 30.33 -28.98
N LEU A 548 13.86 30.00 -27.70
CA LEU A 548 12.67 30.39 -26.95
C LEU A 548 12.67 31.88 -26.67
N VAL A 549 13.85 32.42 -26.35
CA VAL A 549 14.00 33.85 -26.08
C VAL A 549 13.59 34.63 -27.32
N LYS A 550 14.05 34.18 -28.48
CA LYS A 550 13.65 34.78 -29.75
C LYS A 550 12.13 34.81 -29.87
N MET A 551 11.50 33.68 -29.58
CA MET A 551 10.06 33.54 -29.70
C MET A 551 9.33 34.53 -28.79
N TYR A 552 9.80 34.64 -27.56
CA TYR A 552 9.17 35.53 -26.60
C TYR A 552 9.44 37.00 -26.93
N GLN A 553 10.65 37.28 -27.41
CA GLN A 553 11.01 38.65 -27.77
C GLN A 553 10.21 39.14 -28.97
N ASN A 554 10.06 38.28 -29.98
CA ASN A 554 9.48 38.69 -31.25
C ASN A 554 7.97 38.49 -31.36
N TYR A 555 7.40 37.62 -30.52
CA TYR A 555 6.00 37.24 -30.65
C TYR A 555 5.17 37.41 -29.37
N PHE A 556 5.60 36.78 -28.28
CA PHE A 556 4.79 36.75 -27.06
C PHE A 556 5.00 37.95 -26.15
N GLY A 557 6.24 38.43 -26.07
CA GLY A 557 6.58 39.53 -25.19
C GLY A 557 7.13 39.01 -23.87
N LYS A 558 6.54 39.44 -22.76
CA LYS A 558 6.96 38.97 -21.44
C LYS A 558 6.08 37.80 -20.98
N PRO A 559 6.68 36.86 -20.24
CA PRO A 559 5.88 35.74 -19.70
C PRO A 559 4.96 36.16 -18.56
N GLY A 560 3.84 35.47 -18.41
CA GLY A 560 2.92 35.72 -17.32
C GLY A 560 2.08 36.96 -17.50
N GLU A 561 2.10 37.53 -18.70
CA GLU A 561 1.31 38.74 -18.99
C GLU A 561 1.21 38.99 -20.49
N GLY A 562 0.30 39.88 -20.87
CA GLY A 562 0.12 40.26 -22.26
C GLY A 562 -0.39 39.11 -23.10
N ARG A 563 0.26 38.89 -24.25
CA ARG A 563 -0.14 37.82 -25.16
C ARG A 563 0.17 36.45 -24.56
N ALA A 564 1.26 36.38 -23.80
CA ALA A 564 1.70 35.12 -23.20
C ALA A 564 0.63 34.56 -22.27
N HIS A 565 0.15 35.39 -21.35
CA HIS A 565 -0.88 34.97 -20.41
C HIS A 565 -2.21 34.72 -21.11
N GLU A 566 -2.37 35.33 -22.28
CA GLU A 566 -3.64 35.27 -23.00
C GLU A 566 -3.95 33.87 -23.55
N ILE A 567 -2.97 33.27 -24.23
CA ILE A 567 -3.20 32.05 -25.00
C ILE A 567 -2.40 30.83 -24.53
N LEU A 568 -1.32 31.06 -23.78
CA LEU A 568 -0.47 29.96 -23.32
C LEU A 568 -0.89 29.40 -21.95
N HIS A 569 -1.95 29.97 -21.37
CA HIS A 569 -2.43 29.54 -20.06
C HIS A 569 -3.78 28.82 -20.16
N PHE A 570 -4.07 28.01 -19.14
CA PHE A 570 -5.31 27.26 -19.08
C PHE A 570 -5.69 27.01 -17.62
N LYS A 571 -6.78 27.63 -17.19
CA LYS A 571 -7.21 27.54 -15.79
C LYS A 571 -8.28 26.48 -15.61
N TYR A 572 -8.16 25.71 -14.53
CA TYR A 572 -9.16 24.70 -14.16
C TYR A 572 -10.05 25.23 -13.04
N LYS A 573 -11.32 24.86 -13.10
CA LYS A 573 -12.30 25.31 -12.11
C LYS A 573 -13.32 24.23 -11.79
N LYS A 574 -13.81 24.24 -10.56
CA LYS A 574 -14.79 23.26 -10.11
C LYS A 574 -16.18 23.61 -10.63
N LYS B 2 29.50 -6.01 -5.81
CA LYS B 2 29.80 -4.65 -5.36
C LYS B 2 30.79 -4.64 -4.21
N THR B 3 31.36 -3.46 -3.96
CA THR B 3 32.25 -3.25 -2.81
C THR B 3 31.79 -2.03 -2.02
N ILE B 4 31.67 -2.20 -0.71
CA ILE B 4 31.20 -1.13 0.17
C ILE B 4 32.03 -1.09 1.45
N ILE B 5 32.50 0.10 1.81
CA ILE B 5 33.31 0.29 3.00
C ILE B 5 32.49 0.96 4.10
N ILE B 6 32.28 0.24 5.20
CA ILE B 6 31.53 0.73 6.34
C ILE B 6 32.38 0.64 7.60
N ASN B 7 32.70 1.80 8.18
CA ASN B 7 33.59 1.89 9.34
C ASN B 7 34.95 1.30 9.02
N GLY B 8 35.31 1.30 7.74
CA GLY B 8 36.60 0.81 7.28
C GLY B 8 36.62 -0.68 7.05
N VAL B 9 35.55 -1.21 6.41
CA VAL B 9 35.46 -2.63 6.12
C VAL B 9 34.78 -2.87 4.77
N GLN B 10 35.56 -3.30 3.79
CA GLN B 10 35.04 -3.63 2.47
C GLN B 10 34.04 -4.78 2.56
N PHE B 11 32.99 -4.71 1.74
CA PHE B 11 31.93 -5.73 1.75
C PHE B 11 31.59 -6.21 0.34
N ASN B 12 31.76 -7.51 0.12
CA ASN B 12 31.47 -8.13 -1.18
C ASN B 12 30.01 -8.56 -1.28
N THR B 13 29.18 -7.71 -1.88
CA THR B 13 27.76 -8.01 -2.07
C THR B 13 27.27 -7.55 -3.44
N ASP B 14 25.96 -7.55 -3.61
CA ASP B 14 25.36 -7.14 -4.87
C ASP B 14 23.87 -6.81 -4.73
N GLU B 15 23.43 -6.57 -3.50
CA GLU B 15 22.02 -6.30 -3.24
C GLU B 15 21.66 -4.86 -3.56
N ASP B 16 20.36 -4.62 -3.79
CA ASP B 16 19.83 -3.30 -4.09
C ASP B 16 18.99 -2.77 -2.94
N THR B 17 19.59 -2.69 -1.76
CA THR B 17 18.89 -2.26 -0.55
C THR B 17 19.43 -0.94 -0.02
N THR B 18 18.99 -0.57 1.17
CA THR B 18 19.43 0.68 1.81
C THR B 18 20.63 0.44 2.72
N ILE B 19 21.26 1.54 3.13
CA ILE B 19 22.40 1.46 4.04
C ILE B 19 21.95 0.92 5.40
N LEU B 20 20.77 1.34 5.83
CA LEU B 20 20.25 0.92 7.13
C LEU B 20 20.03 -0.58 7.17
N LYS B 21 19.35 -1.12 6.15
CA LYS B 21 19.06 -2.54 6.11
C LYS B 21 20.33 -3.36 5.92
N PHE B 22 21.25 -2.86 5.10
CA PHE B 22 22.51 -3.56 4.86
C PHE B 22 23.35 -3.60 6.13
N ALA B 23 23.27 -2.54 6.92
CA ALA B 23 23.97 -2.47 8.19
C ALA B 23 23.34 -3.41 9.21
N ARG B 24 22.01 -3.49 9.17
CA ARG B 24 21.27 -4.34 10.10
C ARG B 24 21.41 -5.82 9.74
N ASP B 25 21.53 -6.10 8.44
CA ASP B 25 21.69 -7.48 7.97
C ASP B 25 23.09 -8.00 8.26
N ASN B 26 24.06 -7.08 8.39
CA ASN B 26 25.45 -7.44 8.62
C ASN B 26 25.91 -7.13 10.04
N ASN B 27 24.94 -6.99 10.96
CA ASN B 27 25.22 -6.63 12.33
C ASN B 27 26.13 -5.40 12.41
N ILE B 28 25.56 -4.25 12.07
CA ILE B 28 26.23 -2.97 12.20
C ILE B 28 25.27 -1.96 12.83
N ASP B 29 25.79 -1.16 13.74
CA ASP B 29 24.94 -0.28 14.55
C ASP B 29 24.64 1.05 13.86
N ILE B 30 23.44 1.15 13.30
CA ILE B 30 22.92 2.42 12.80
C ILE B 30 21.57 2.68 13.44
N SER B 31 21.50 3.74 14.25
CA SER B 31 20.27 4.10 14.93
C SER B 31 19.21 4.56 13.94
N ALA B 32 17.97 4.60 14.39
CA ALA B 32 16.85 5.06 13.57
C ALA B 32 15.65 5.31 14.46
N LEU B 33 14.71 6.13 13.99
CA LEU B 33 13.55 6.47 14.80
C LEU B 33 12.26 6.50 13.98
N CYS B 34 12.13 7.49 13.11
CA CYS B 34 10.88 7.68 12.38
C CYS B 34 10.67 6.61 11.31
N PHE B 35 11.67 5.77 11.07
CA PHE B 35 11.57 4.72 10.07
C PHE B 35 10.92 3.46 10.64
N LEU B 36 9.72 3.15 10.16
CA LEU B 36 9.03 1.92 10.53
C LEU B 36 8.11 1.48 9.39
N ASN B 37 7.90 0.18 9.27
CA ASN B 37 7.06 -0.38 8.22
C ASN B 37 7.51 0.09 6.83
N ASN B 38 8.82 0.19 6.67
CA ASN B 38 9.43 0.55 5.38
C ASN B 38 9.11 1.98 4.94
N CYS B 39 8.80 2.83 5.91
CA CYS B 39 8.51 4.24 5.63
C CYS B 39 9.04 5.15 6.73
N ASN B 40 9.68 6.24 6.33
CA ASN B 40 10.12 7.27 7.27
C ASN B 40 9.16 8.46 7.22
N ASN B 41 9.44 9.46 8.04
CA ASN B 41 8.62 10.67 8.07
C ASN B 41 9.07 11.64 6.98
N ASP B 42 8.35 11.66 5.87
CA ASP B 42 8.75 12.43 4.70
C ASP B 42 8.69 13.94 4.94
N ILE B 43 7.70 14.39 5.70
CA ILE B 43 7.51 15.82 5.95
C ILE B 43 8.57 16.38 6.90
N ASN B 44 9.10 15.53 7.78
CA ASN B 44 10.16 15.93 8.68
C ASN B 44 10.98 14.73 9.13
N LYS B 45 11.92 14.32 8.28
CA LYS B 45 12.80 13.21 8.58
C LYS B 45 13.57 13.48 9.87
N CYS B 46 13.59 12.50 10.76
CA CYS B 46 14.19 12.67 12.09
C CYS B 46 15.71 12.75 12.03
N GLU B 47 16.28 12.12 11.00
CA GLU B 47 17.72 12.14 10.75
C GLU B 47 18.51 11.48 11.88
N ILE B 48 17.86 10.59 12.63
CA ILE B 48 18.56 9.79 13.63
C ILE B 48 19.47 8.79 12.92
N CYS B 49 19.08 8.39 11.72
CA CYS B 49 19.83 7.43 10.92
C CYS B 49 20.89 8.10 10.06
N THR B 50 21.47 9.19 10.57
CA THR B 50 22.50 9.90 9.84
C THR B 50 23.78 9.06 9.75
N VAL B 51 24.32 8.97 8.54
CA VAL B 51 25.61 8.36 8.30
C VAL B 51 26.39 9.21 7.32
N GLU B 52 27.70 9.32 7.52
CA GLU B 52 28.53 10.15 6.64
C GLU B 52 28.97 9.38 5.42
N VAL B 53 28.67 9.93 4.25
CA VAL B 53 29.09 9.37 2.97
C VAL B 53 30.20 10.24 2.39
N GLU B 54 31.35 9.63 2.13
CA GLU B 54 32.49 10.37 1.61
C GLU B 54 32.28 10.74 0.15
N GLY B 55 31.98 12.01 -0.08
CA GLY B 55 31.74 12.52 -1.42
C GLY B 55 30.52 13.41 -1.48
N THR B 56 29.44 12.95 -0.86
CA THR B 56 28.17 13.68 -0.86
C THR B 56 27.97 14.42 0.46
N GLY B 57 28.24 13.73 1.56
CA GLY B 57 28.07 14.30 2.89
C GLY B 57 27.19 13.43 3.77
N LEU B 58 26.60 14.03 4.80
CA LEU B 58 25.72 13.30 5.71
C LEU B 58 24.41 12.93 5.03
N VAL B 59 24.04 11.66 5.14
CA VAL B 59 22.82 11.15 4.50
C VAL B 59 22.00 10.32 5.48
N THR B 60 20.71 10.20 5.19
CA THR B 60 19.83 9.34 5.97
C THR B 60 19.88 7.92 5.43
N ALA B 61 20.38 6.99 6.24
CA ALA B 61 20.61 5.62 5.80
C ALA B 61 19.32 4.84 5.57
N CYS B 62 18.19 5.37 6.05
CA CYS B 62 16.93 4.65 6.01
C CYS B 62 16.25 4.72 4.63
N ASP B 63 16.72 5.64 3.78
CA ASP B 63 16.15 5.81 2.44
C ASP B 63 17.19 6.19 1.40
N THR B 64 18.43 5.77 1.63
CA THR B 64 19.52 5.99 0.67
C THR B 64 20.11 4.65 0.24
N LEU B 65 19.96 4.34 -1.05
CA LEU B 65 20.42 3.08 -1.61
C LEU B 65 21.94 3.07 -1.71
N ILE B 66 22.54 1.92 -1.39
CA ILE B 66 23.99 1.76 -1.50
C ILE B 66 24.42 1.76 -2.97
N GLU B 67 25.62 2.26 -3.23
CA GLU B 67 26.18 2.28 -4.57
C GLU B 67 27.66 1.90 -4.52
N ASP B 68 28.14 1.27 -5.59
CA ASP B 68 29.50 0.76 -5.64
C ASP B 68 30.51 1.90 -5.47
N GLY B 69 31.39 1.75 -4.48
CA GLY B 69 32.43 2.72 -4.21
C GLY B 69 32.04 3.72 -3.13
N MET B 70 31.25 3.26 -2.17
CA MET B 70 30.83 4.10 -1.05
C MET B 70 31.70 3.90 0.19
N ILE B 71 32.25 4.99 0.68
CA ILE B 71 32.95 4.98 1.97
C ILE B 71 32.01 5.56 3.02
N ILE B 72 31.58 4.72 3.96
CA ILE B 72 30.59 5.12 4.95
C ILE B 72 31.15 5.09 6.37
N ASN B 73 30.92 6.19 7.10
CA ASN B 73 31.29 6.29 8.50
C ASN B 73 30.04 6.56 9.33
N THR B 74 29.58 5.52 10.04
CA THR B 74 28.37 5.62 10.84
C THR B 74 28.65 6.17 12.24
N ASN B 75 29.86 6.67 12.45
CA ASN B 75 30.29 7.03 13.80
C ASN B 75 31.33 8.16 13.81
N SER B 76 31.32 9.00 12.78
CA SER B 76 32.21 10.16 12.75
C SER B 76 31.68 11.23 13.70
N ASP B 77 32.57 12.12 14.13
CA ASP B 77 32.19 13.17 15.07
C ASP B 77 31.09 14.06 14.51
N ALA B 78 31.00 14.14 13.19
CA ALA B 78 29.97 14.94 12.54
C ALA B 78 28.61 14.26 12.63
N VAL B 79 28.61 12.94 12.53
CA VAL B 79 27.38 12.15 12.62
C VAL B 79 26.84 12.16 14.05
N ASN B 80 27.70 11.84 15.00
CA ASN B 80 27.29 11.69 16.39
C ASN B 80 26.78 13.00 17.00
N GLU B 81 27.35 14.12 16.58
CA GLU B 81 26.90 15.41 17.07
C GLU B 81 25.61 15.82 16.36
N LYS B 82 25.47 15.38 15.11
CA LYS B 82 24.26 15.64 14.34
C LYS B 82 23.07 14.90 14.94
N ILE B 83 23.23 13.59 15.13
CA ILE B 83 22.18 12.78 15.73
C ILE B 83 21.85 13.28 17.13
N LYS B 84 22.89 13.47 17.94
CA LYS B 84 22.73 13.94 19.31
C LYS B 84 21.98 15.27 19.37
N SER B 85 22.18 16.10 18.33
CA SER B 85 21.51 17.38 18.25
C SER B 85 20.03 17.20 17.92
N ARG B 86 19.73 16.21 17.09
CA ARG B 86 18.35 15.93 16.71
C ARG B 86 17.56 15.34 17.87
N ILE B 87 18.23 14.56 18.71
CA ILE B 87 17.60 14.00 19.90
C ILE B 87 17.37 15.10 20.92
N SER B 88 18.34 16.00 21.05
CA SER B 88 18.24 17.11 21.98
C SER B 88 17.04 17.99 21.65
N GLN B 89 16.73 18.12 20.36
CA GLN B 89 15.60 18.92 19.92
C GLN B 89 14.28 18.23 20.25
N LEU B 90 14.27 16.89 20.20
CA LEU B 90 13.08 16.14 20.59
C LEU B 90 12.82 16.32 22.08
N LEU B 91 13.88 16.35 22.88
CA LEU B 91 13.76 16.54 24.32
C LEU B 91 13.12 17.89 24.65
N ASP B 92 13.38 18.90 23.82
CA ASP B 92 12.85 20.23 24.05
C ASP B 92 11.32 20.27 23.97
N ILE B 93 10.73 19.21 23.42
CA ILE B 93 9.27 19.08 23.31
C ILE B 93 8.78 17.79 23.95
N HIS B 94 9.61 17.23 24.82
CA HIS B 94 9.32 15.92 25.43
C HIS B 94 9.40 15.99 26.96
N GLU B 95 8.30 15.68 27.61
CA GLU B 95 8.28 15.60 29.07
C GLU B 95 9.07 14.37 29.51
N PHE B 96 10.34 14.58 29.80
CA PHE B 96 11.26 13.48 30.07
C PHE B 96 11.17 12.99 31.52
N LYS B 97 10.03 12.39 31.86
CA LYS B 97 9.79 11.84 33.19
C LYS B 97 9.45 10.36 33.10
N CYS B 98 10.49 9.53 33.02
CA CYS B 98 10.33 8.11 32.75
C CYS B 98 9.77 7.34 33.94
N GLY B 99 9.84 7.93 35.13
CA GLY B 99 9.44 7.26 36.36
C GLY B 99 8.11 6.54 36.29
N PRO B 100 7.01 7.28 36.14
CA PRO B 100 5.66 6.71 36.09
C PRO B 100 5.18 6.34 34.68
N CYS B 101 6.04 6.53 33.70
CA CYS B 101 5.68 6.31 32.30
C CYS B 101 5.40 4.84 31.99
N ASN B 102 4.35 4.57 31.20
CA ASN B 102 3.94 3.21 30.91
C ASN B 102 4.78 2.51 29.83
N ARG B 103 5.76 3.23 29.28
CA ARG B 103 6.69 2.65 28.31
C ARG B 103 8.11 2.63 28.87
N ARG B 104 8.23 2.91 30.16
CA ARG B 104 9.51 3.01 30.84
C ARG B 104 10.43 1.81 30.60
N GLU B 105 9.83 0.64 30.46
N GLU B 105 9.84 0.63 30.45
CA GLU B 105 10.57 -0.61 30.34
CA GLU B 105 10.61 -0.60 30.34
C GLU B 105 10.99 -0.92 28.90
C GLU B 105 10.99 -0.93 28.89
N ASN B 106 10.27 -0.34 27.94
CA ASN B 106 10.53 -0.59 26.52
C ASN B 106 10.31 0.62 25.63
N CYS B 107 10.91 1.75 26.00
CA CYS B 107 10.82 2.96 25.20
C CYS B 107 12.01 3.08 24.26
N GLU B 108 11.75 3.42 22.99
CA GLU B 108 12.80 3.57 21.99
C GLU B 108 13.51 4.92 22.14
N PHE B 109 12.78 5.93 22.59
CA PHE B 109 13.34 7.26 22.71
C PHE B 109 14.34 7.33 23.86
N LEU B 110 13.97 6.79 25.01
CA LEU B 110 14.84 6.78 26.17
C LEU B 110 16.18 6.10 25.85
N LYS B 111 16.11 4.99 25.14
CA LYS B 111 17.30 4.26 24.74
C LYS B 111 18.19 5.09 23.81
N LEU B 112 17.58 6.00 23.08
CA LEU B 112 18.33 6.90 22.20
C LEU B 112 18.92 8.06 22.99
N VAL B 113 18.18 8.55 23.99
CA VAL B 113 18.68 9.60 24.86
C VAL B 113 19.91 9.10 25.61
N ILE B 114 19.82 7.90 26.16
CA ILE B 114 20.90 7.31 26.92
C ILE B 114 22.12 7.03 26.03
N LYS B 115 21.84 6.51 24.85
CA LYS B 115 22.89 6.10 23.92
C LYS B 115 23.78 7.26 23.50
N TYR B 116 23.15 8.35 23.07
CA TYR B 116 23.89 9.53 22.61
C TYR B 116 24.08 10.57 23.70
N LYS B 117 23.52 10.30 24.88
CA LYS B 117 23.66 11.19 26.03
C LYS B 117 23.16 12.59 25.69
N ALA B 118 22.11 12.63 24.88
CA ALA B 118 21.50 13.89 24.50
C ALA B 118 20.83 14.55 25.70
N ARG B 119 20.86 15.89 25.73
CA ARG B 119 20.20 16.65 26.78
C ARG B 119 19.37 17.78 26.17
N ALA B 120 18.39 18.26 26.92
CA ALA B 120 17.49 19.30 26.44
C ALA B 120 18.13 20.67 26.55
N SER B 121 17.96 21.49 25.51
CA SER B 121 18.35 22.89 25.58
C SER B 121 17.50 23.59 26.63
N LYS B 122 16.29 23.08 26.81
CA LYS B 122 15.39 23.53 27.85
C LYS B 122 14.41 22.40 28.18
N PRO B 123 14.46 21.89 29.42
CA PRO B 123 13.53 20.82 29.82
C PRO B 123 12.07 21.18 29.60
N PHE B 124 11.34 20.31 28.91
CA PHE B 124 9.91 20.53 28.66
C PHE B 124 9.09 20.05 29.85
N LEU B 125 8.75 20.99 30.72
CA LEU B 125 8.02 20.69 31.95
C LEU B 125 6.68 21.41 32.01
N PRO B 126 5.74 21.03 31.14
CA PRO B 126 4.41 21.65 31.15
C PRO B 126 3.70 21.45 32.48
N LYS B 127 3.21 22.53 33.06
CA LYS B 127 2.60 22.47 34.39
C LYS B 127 1.18 21.91 34.34
N ASP B 128 0.50 22.14 33.21
CA ASP B 128 -0.86 21.62 33.01
C ASP B 128 -0.91 20.82 31.71
N LYS B 129 -1.19 19.52 31.83
CA LYS B 129 -1.14 18.61 30.70
C LYS B 129 -2.50 18.34 30.06
N THR B 130 -3.56 18.91 30.64
CA THR B 130 -4.92 18.63 30.18
C THR B 130 -5.11 18.91 28.69
N GLU B 131 -4.45 19.95 28.19
CA GLU B 131 -4.54 20.30 26.78
C GLU B 131 -3.77 19.31 25.90
N TYR B 132 -2.80 18.62 26.50
CA TYR B 132 -1.98 17.67 25.76
C TYR B 132 -2.57 16.27 25.76
N VAL B 133 -3.52 16.02 26.67
CA VAL B 133 -4.07 14.68 26.88
C VAL B 133 -5.49 14.55 26.34
N ASP B 134 -5.75 13.41 25.69
CA ASP B 134 -7.09 13.09 25.18
C ASP B 134 -7.49 11.68 25.63
N GLU B 135 -8.46 11.61 26.52
CA GLU B 135 -8.93 10.33 27.07
C GLU B 135 -10.44 10.18 26.89
N ARG B 136 -10.96 10.76 25.81
CA ARG B 136 -12.38 10.68 25.51
C ARG B 136 -12.77 9.31 24.98
N SER B 137 -11.85 8.68 24.24
CA SER B 137 -12.14 7.40 23.61
C SER B 137 -12.24 6.25 24.61
N LYS B 138 -12.97 5.21 24.22
CA LYS B 138 -13.11 4.02 25.04
C LYS B 138 -11.95 3.03 24.81
N SER B 139 -11.17 3.28 23.76
CA SER B 139 -10.11 2.36 23.36
C SER B 139 -8.72 2.98 23.40
N LEU B 140 -8.59 4.19 22.86
CA LEU B 140 -7.30 4.84 22.70
C LEU B 140 -7.12 6.06 23.59
N THR B 141 -5.87 6.38 23.89
CA THR B 141 -5.55 7.62 24.60
C THR B 141 -4.36 8.28 23.92
N VAL B 142 -4.20 9.58 24.17
CA VAL B 142 -3.11 10.34 23.59
C VAL B 142 -2.44 11.21 24.65
N ASP B 143 -1.11 11.16 24.69
CA ASP B 143 -0.33 12.06 25.54
C ASP B 143 0.71 12.79 24.70
N ARG B 144 0.33 13.96 24.20
CA ARG B 144 1.17 14.68 23.23
C ARG B 144 2.41 15.29 23.87
N THR B 145 2.55 15.16 25.18
CA THR B 145 3.77 15.60 25.86
C THR B 145 4.90 14.62 25.58
N LYS B 146 4.55 13.42 25.12
CA LYS B 146 5.53 12.40 24.77
C LYS B 146 5.77 12.34 23.26
N CYS B 147 4.80 12.80 22.49
CA CYS B 147 4.81 12.62 21.04
C CYS B 147 6.00 13.29 20.37
N LEU B 148 6.69 12.52 19.53
CA LEU B 148 7.87 13.00 18.83
C LEU B 148 7.54 13.47 17.41
N LEU B 149 6.27 13.32 17.02
CA LEU B 149 5.82 13.70 15.68
C LEU B 149 6.62 12.98 14.60
N CYS B 150 6.88 11.70 14.84
CA CYS B 150 7.63 10.86 13.91
C CYS B 150 6.73 10.32 12.80
N GLY B 151 5.43 10.48 12.97
CA GLY B 151 4.46 10.06 11.97
C GLY B 151 4.37 8.56 11.79
N ARG B 152 4.92 7.80 12.75
CA ARG B 152 4.90 6.35 12.65
C ARG B 152 3.51 5.77 12.92
N CYS B 153 2.70 6.51 13.67
CA CYS B 153 1.32 6.12 13.87
C CYS B 153 0.49 6.46 12.64
N VAL B 154 0.86 7.56 11.98
CA VAL B 154 0.18 8.01 10.78
C VAL B 154 0.41 7.04 9.62
N ASN B 155 1.66 6.63 9.44
CA ASN B 155 2.00 5.66 8.40
C ASN B 155 1.44 4.28 8.74
N ALA B 156 1.45 3.94 10.02
CA ALA B 156 0.92 2.65 10.47
C ALA B 156 -0.55 2.53 10.10
N CYS B 157 -1.32 3.55 10.48
CA CYS B 157 -2.76 3.54 10.19
C CYS B 157 -3.01 3.41 8.70
N GLY B 158 -2.32 4.22 7.91
CA GLY B 158 -2.47 4.19 6.47
C GLY B 158 -2.23 2.81 5.89
N LYS B 159 -1.09 2.21 6.24
CA LYS B 159 -0.72 0.90 5.73
C LYS B 159 -1.66 -0.20 6.23
N ASN B 160 -1.91 -0.23 7.54
CA ASN B 160 -2.68 -1.31 8.14
C ASN B 160 -4.16 -1.27 7.82
N THR B 161 -4.72 -0.07 7.68
CA THR B 161 -6.17 0.09 7.55
C THR B 161 -6.58 0.91 6.34
N GLU B 162 -5.68 1.77 5.85
CA GLU B 162 -5.99 2.66 4.73
C GLU B 162 -7.18 3.58 5.04
N THR B 163 -7.45 3.78 6.32
CA THR B 163 -8.50 4.70 6.74
C THR B 163 -7.93 6.10 6.93
N TYR B 164 -6.64 6.15 7.27
CA TYR B 164 -5.96 7.40 7.56
C TYR B 164 -6.70 8.16 8.65
N ALA B 165 -7.24 7.42 9.63
CA ALA B 165 -7.94 8.02 10.75
C ALA B 165 -6.98 8.79 11.64
N MET B 166 -5.71 8.36 11.64
CA MET B 166 -4.65 9.11 12.32
C MET B 166 -4.02 10.07 11.32
N LYS B 167 -4.06 11.36 11.65
CA LYS B 167 -3.61 12.39 10.73
C LYS B 167 -2.73 13.41 11.44
N PHE B 168 -1.88 14.08 10.66
CA PHE B 168 -1.21 15.28 11.12
C PHE B 168 -2.20 16.43 11.08
N LEU B 169 -2.31 17.14 12.20
CA LEU B 169 -3.27 18.23 12.33
C LEU B 169 -2.55 19.53 12.71
N ASN B 170 -3.13 20.65 12.32
CA ASN B 170 -2.60 21.95 12.69
C ASN B 170 -3.46 22.60 13.77
N LYS B 171 -2.93 22.60 14.99
CA LYS B 171 -3.63 23.16 16.14
C LYS B 171 -2.89 24.40 16.65
N ASN B 172 -3.52 25.55 16.50
CA ASN B 172 -2.92 26.82 16.90
C ASN B 172 -1.60 27.07 16.17
N GLY B 173 -1.51 26.62 14.92
CA GLY B 173 -0.31 26.75 14.13
C GLY B 173 0.75 25.74 14.50
N LYS B 174 0.46 24.94 15.52
CA LYS B 174 1.39 23.92 15.99
C LYS B 174 0.97 22.54 15.46
N THR B 175 1.94 21.71 15.15
CA THR B 175 1.67 20.39 14.59
C THR B 175 1.39 19.36 15.69
N ILE B 176 0.25 18.69 15.57
CA ILE B 176 -0.09 17.56 16.43
C ILE B 176 -0.57 16.41 15.56
N ILE B 177 -0.72 15.24 16.17
CA ILE B 177 -1.38 14.12 15.53
C ILE B 177 -2.69 13.85 16.25
N GLY B 178 -3.64 13.22 15.56
CA GLY B 178 -4.93 12.91 16.14
C GLY B 178 -5.95 12.52 15.11
N ALA B 179 -7.22 12.46 15.54
CA ALA B 179 -8.32 12.09 14.66
C ALA B 179 -8.78 13.31 13.86
N GLU B 180 -9.60 13.05 12.84
CA GLU B 180 -10.10 14.11 11.97
C GLU B 180 -10.76 15.22 12.78
N ASP B 181 -10.32 16.45 12.53
CA ASP B 181 -10.84 17.64 13.21
C ASP B 181 -10.67 17.55 14.73
N GLU B 182 -9.66 16.80 15.15
CA GLU B 182 -9.36 16.64 16.58
C GLU B 182 -10.56 16.11 17.36
N LYS B 183 -11.41 15.36 16.68
CA LYS B 183 -12.55 14.72 17.33
C LYS B 183 -12.09 13.53 18.14
N CYS B 184 -13.01 12.92 18.87
CA CYS B 184 -12.73 11.64 19.52
C CYS B 184 -12.69 10.57 18.44
N PHE B 185 -11.66 9.72 18.48
CA PHE B 185 -11.48 8.67 17.49
C PHE B 185 -12.78 7.88 17.27
N ASP B 186 -13.48 7.61 18.36
CA ASP B 186 -14.72 6.84 18.32
C ASP B 186 -15.77 7.50 17.42
N ASP B 187 -15.72 8.83 17.34
CA ASP B 187 -16.69 9.59 16.57
C ASP B 187 -16.26 9.77 15.11
N THR B 188 -15.22 9.03 14.72
CA THR B 188 -14.71 9.07 13.35
C THR B 188 -14.75 7.68 12.74
N ASN B 189 -14.17 7.54 11.54
CA ASN B 189 -14.13 6.25 10.87
C ASN B 189 -13.02 5.35 11.40
N CYS B 190 -12.33 5.82 12.44
CA CYS B 190 -11.32 5.02 13.11
C CYS B 190 -11.91 3.67 13.54
N LEU B 191 -11.10 2.62 13.42
CA LEU B 191 -11.53 1.26 13.77
C LEU B 191 -11.14 0.91 15.20
N LEU B 192 -10.40 1.81 15.84
CA LEU B 192 -9.92 1.60 17.21
C LEU B 192 -9.11 0.31 17.32
N CYS B 193 -8.47 -0.06 16.22
CA CYS B 193 -7.66 -1.28 16.16
C CYS B 193 -6.34 -1.12 16.89
N GLY B 194 -5.92 0.13 17.09
CA GLY B 194 -4.75 0.43 17.90
C GLY B 194 -3.42 0.08 17.26
N GLN B 195 -3.41 -0.13 15.94
CA GLN B 195 -2.16 -0.39 15.25
C GLN B 195 -1.23 0.82 15.35
N CYS B 196 -1.82 1.99 15.56
CA CYS B 196 -1.06 3.21 15.78
C CYS B 196 -0.26 3.13 17.08
N ILE B 197 -0.86 2.54 18.12
CA ILE B 197 -0.17 2.36 19.39
C ILE B 197 1.06 1.48 19.21
N ILE B 198 0.88 0.38 18.48
CA ILE B 198 1.96 -0.58 18.25
C ILE B 198 3.14 0.04 17.53
N ALA B 199 2.87 1.00 16.63
CA ALA B 199 3.92 1.64 15.85
C ALA B 199 4.60 2.76 16.64
N CYS B 200 3.98 3.19 17.73
CA CYS B 200 4.50 4.31 18.50
C CYS B 200 5.74 3.92 19.29
N PRO B 201 6.82 4.72 19.19
CA PRO B 201 8.05 4.40 19.92
C PRO B 201 8.05 4.86 21.38
N VAL B 202 7.09 5.69 21.75
CA VAL B 202 7.05 6.30 23.08
C VAL B 202 5.68 6.10 23.73
N ALA B 203 5.43 6.82 24.82
CA ALA B 203 4.17 6.72 25.55
C ALA B 203 3.19 7.81 25.13
N ALA B 204 3.24 8.17 23.85
CA ALA B 204 2.32 9.17 23.32
C ALA B 204 0.95 8.56 23.09
N LEU B 205 0.94 7.33 22.57
CA LEU B 205 -0.29 6.58 22.34
C LEU B 205 -0.39 5.41 23.30
N SER B 206 -1.57 5.22 23.88
CA SER B 206 -1.80 4.14 24.83
C SER B 206 -3.26 3.72 24.78
N GLU B 207 -3.54 2.50 25.22
CA GLU B 207 -4.91 2.03 25.34
C GLU B 207 -5.64 2.79 26.45
N LYS B 208 -6.96 2.86 26.34
CA LYS B 208 -7.77 3.42 27.41
C LYS B 208 -7.78 2.45 28.57
N SER B 209 -7.36 2.92 29.74
CA SER B 209 -7.16 2.03 30.89
C SER B 209 -8.46 1.60 31.54
N HIS B 210 -8.55 0.30 31.83
CA HIS B 210 -9.67 -0.27 32.59
C HIS B 210 -9.18 -0.89 33.89
N MET B 211 -7.90 -0.73 34.19
CA MET B 211 -7.30 -1.36 35.36
C MET B 211 -8.00 -0.92 36.65
N ASP B 212 -8.42 0.33 36.73
CA ASP B 212 -9.12 0.83 37.90
C ASP B 212 -10.48 0.15 38.07
N ARG B 213 -11.13 -0.18 36.95
CA ARG B 213 -12.36 -0.97 37.01
C ARG B 213 -12.04 -2.30 37.68
N VAL B 214 -11.00 -2.95 37.19
CA VAL B 214 -10.60 -4.26 37.66
C VAL B 214 -10.19 -4.21 39.13
N LYS B 215 -9.32 -3.25 39.46
CA LYS B 215 -8.79 -3.15 40.81
C LYS B 215 -9.87 -2.84 41.85
N ASN B 216 -10.84 -2.00 41.47
CA ASN B 216 -11.96 -1.70 42.36
C ASN B 216 -12.90 -2.89 42.51
N ALA B 217 -13.08 -3.64 41.43
CA ALA B 217 -13.94 -4.81 41.43
C ALA B 217 -13.38 -5.90 42.34
N LEU B 218 -12.06 -5.99 42.39
CA LEU B 218 -11.39 -7.01 43.20
C LEU B 218 -11.47 -6.67 44.69
N ASN B 219 -11.37 -5.39 45.02
CA ASN B 219 -11.33 -4.94 46.41
C ASN B 219 -12.71 -4.84 47.05
N ALA B 220 -13.75 -4.72 46.22
CA ALA B 220 -15.12 -4.72 46.73
C ALA B 220 -15.46 -6.13 47.23
N PRO B 221 -15.86 -6.25 48.50
CA PRO B 221 -16.03 -7.60 49.06
C PRO B 221 -17.18 -8.39 48.43
N GLU B 222 -18.22 -7.70 47.97
CA GLU B 222 -19.40 -8.38 47.45
C GLU B 222 -19.23 -8.82 45.99
N LYS B 223 -18.29 -8.21 45.28
CA LYS B 223 -18.10 -8.52 43.86
C LYS B 223 -17.36 -9.83 43.64
N HIS B 224 -17.96 -10.70 42.83
CA HIS B 224 -17.30 -11.93 42.38
C HIS B 224 -16.69 -11.69 41.00
N VAL B 225 -15.37 -11.49 40.96
CA VAL B 225 -14.70 -11.06 39.73
C VAL B 225 -14.22 -12.24 38.89
N ILE B 226 -14.85 -12.42 37.74
CA ILE B 226 -14.41 -13.40 36.75
C ILE B 226 -13.32 -12.82 35.86
N VAL B 227 -12.38 -13.67 35.46
CA VAL B 227 -11.39 -13.28 34.46
C VAL B 227 -11.27 -14.36 33.40
N ALA B 228 -11.12 -13.93 32.15
CA ALA B 228 -10.97 -14.84 31.02
C ALA B 228 -10.11 -14.20 29.94
N MET B 229 -9.03 -14.88 29.57
CA MET B 229 -8.09 -14.32 28.60
C MET B 229 -8.38 -14.78 27.17
N ALA B 230 -8.00 -13.95 26.22
CA ALA B 230 -8.16 -14.24 24.80
C ALA B 230 -7.14 -15.28 24.34
N PRO B 231 -7.39 -15.92 23.19
CA PRO B 231 -6.44 -16.88 22.62
C PRO B 231 -5.00 -16.38 22.56
N SER B 232 -4.83 -15.14 22.09
CA SER B 232 -3.50 -14.62 21.80
C SER B 232 -2.68 -14.27 23.04
N VAL B 233 -3.35 -14.06 24.17
CA VAL B 233 -2.68 -13.64 25.40
C VAL B 233 -1.59 -14.61 25.79
N ARG B 234 -1.89 -15.91 25.72
CA ARG B 234 -0.98 -16.94 26.21
C ARG B 234 0.22 -17.17 25.29
N ALA B 235 0.30 -16.39 24.22
CA ALA B 235 1.37 -16.54 23.25
C ALA B 235 2.13 -15.25 23.03
N SER B 236 1.98 -14.30 23.95
N SER B 236 1.99 -14.30 23.95
CA SER B 236 2.55 -12.97 23.78
CA SER B 236 2.59 -12.98 23.79
C SER B 236 3.00 -12.32 25.09
C SER B 236 3.01 -12.32 25.09
N ILE B 237 2.21 -12.46 26.14
CA ILE B 237 2.49 -11.78 27.41
C ILE B 237 3.84 -12.18 28.00
N GLY B 238 4.33 -13.36 27.64
CA GLY B 238 5.64 -13.81 28.08
C GLY B 238 6.75 -12.90 27.60
N GLU B 239 6.51 -12.18 26.51
CA GLU B 239 7.51 -11.28 25.95
C GLU B 239 7.86 -10.17 26.93
N LEU B 240 6.89 -9.73 27.72
CA LEU B 240 7.09 -8.63 28.67
C LEU B 240 7.71 -9.10 29.99
N PHE B 241 8.09 -10.37 30.06
CA PHE B 241 8.74 -10.93 31.25
C PHE B 241 10.08 -11.58 30.88
N ASN B 242 10.68 -11.12 29.80
CA ASN B 242 12.01 -11.56 29.40
C ASN B 242 12.07 -13.06 29.08
N MET B 243 10.93 -13.64 28.72
CA MET B 243 10.85 -15.07 28.43
C MET B 243 11.09 -15.37 26.95
N GLY B 244 11.17 -14.32 26.14
CA GLY B 244 11.40 -14.46 24.71
C GLY B 244 10.10 -14.56 23.93
N PHE B 245 10.21 -14.89 22.65
CA PHE B 245 9.05 -14.96 21.76
C PHE B 245 8.58 -16.40 21.56
N GLY B 246 7.28 -16.56 21.31
CA GLY B 246 6.72 -17.84 20.96
C GLY B 246 6.56 -18.81 22.11
N VAL B 247 6.61 -18.30 23.33
CA VAL B 247 6.50 -19.14 24.52
C VAL B 247 5.04 -19.30 24.93
N ASP B 248 4.62 -20.55 25.08
CA ASP B 248 3.29 -20.87 25.61
C ASP B 248 3.29 -20.73 27.13
N VAL B 249 2.70 -19.64 27.61
CA VAL B 249 2.67 -19.34 29.04
C VAL B 249 1.26 -19.50 29.60
N THR B 250 0.47 -20.38 29.00
CA THR B 250 -0.93 -20.58 29.40
C THR B 250 -1.06 -20.88 30.88
N GLY B 251 -0.28 -21.85 31.36
CA GLY B 251 -0.37 -22.29 32.74
C GLY B 251 0.03 -21.21 33.74
N LYS B 252 1.07 -20.45 33.39
CA LYS B 252 1.57 -19.39 34.28
C LYS B 252 0.55 -18.28 34.46
N ILE B 253 -0.21 -17.97 33.41
CA ILE B 253 -1.22 -16.92 33.48
C ILE B 253 -2.31 -17.29 34.49
N TYR B 254 -2.81 -18.52 34.38
CA TYR B 254 -3.83 -19.01 35.30
C TYR B 254 -3.40 -18.84 36.75
N THR B 255 -2.15 -19.20 37.03
CA THR B 255 -1.60 -19.02 38.38
C THR B 255 -1.44 -17.54 38.68
N ALA B 256 -0.99 -16.78 37.69
CA ALA B 256 -0.77 -15.35 37.86
C ALA B 256 -2.08 -14.63 38.15
N LEU B 257 -3.17 -15.10 37.56
CA LEU B 257 -4.48 -14.48 37.75
C LEU B 257 -5.05 -14.80 39.13
N ARG B 258 -4.86 -16.03 39.60
CA ARG B 258 -5.34 -16.40 40.92
C ARG B 258 -4.60 -15.62 42.00
N GLN B 259 -3.29 -15.47 41.83
CA GLN B 259 -2.48 -14.69 42.76
C GLN B 259 -2.92 -13.22 42.77
N LEU B 260 -3.44 -12.74 41.64
CA LEU B 260 -3.95 -11.38 41.57
C LEU B 260 -5.24 -11.23 42.37
N GLY B 261 -5.90 -12.34 42.65
CA GLY B 261 -7.07 -12.36 43.51
C GLY B 261 -8.40 -12.44 42.78
N PHE B 262 -8.36 -12.78 41.49
CA PHE B 262 -9.58 -13.00 40.74
C PHE B 262 -10.31 -14.21 41.34
N ASP B 263 -11.64 -14.14 41.37
CA ASP B 263 -12.44 -15.13 42.08
C ASP B 263 -12.73 -16.37 41.24
N LYS B 264 -12.59 -16.25 39.93
CA LYS B 264 -12.79 -17.38 39.05
C LYS B 264 -11.98 -17.22 37.77
N ILE B 265 -11.27 -18.28 37.39
CA ILE B 265 -10.41 -18.27 36.21
C ILE B 265 -11.06 -19.04 35.07
N PHE B 266 -11.50 -18.31 34.06
CA PHE B 266 -12.10 -18.90 32.87
C PHE B 266 -11.22 -18.60 31.65
N ASP B 267 -11.74 -18.87 30.47
CA ASP B 267 -11.00 -18.65 29.23
C ASP B 267 -11.94 -18.28 28.10
N ILE B 268 -11.62 -17.21 27.39
CA ILE B 268 -12.44 -16.75 26.27
C ILE B 268 -12.49 -17.83 25.19
N ASN B 269 -11.48 -18.68 25.13
CA ASN B 269 -11.48 -19.79 24.19
C ASN B 269 -12.69 -20.69 24.39
N PHE B 270 -13.25 -20.68 25.61
CA PHE B 270 -14.53 -21.33 25.86
C PHE B 270 -15.62 -20.58 25.09
N GLY B 271 -15.55 -19.25 25.13
CA GLY B 271 -16.46 -18.41 24.38
C GLY B 271 -16.21 -18.52 22.89
N ALA B 272 -15.00 -18.88 22.52
CA ALA B 272 -14.66 -19.09 21.11
C ALA B 272 -15.43 -20.30 20.57
N ASP B 273 -15.54 -21.34 21.39
CA ASP B 273 -16.30 -22.53 21.00
C ASP B 273 -17.80 -22.22 20.97
N MET B 274 -18.23 -21.30 21.82
CA MET B 274 -19.62 -20.85 21.83
C MET B 274 -19.97 -20.17 20.52
N THR B 275 -19.08 -19.30 20.05
CA THR B 275 -19.31 -18.57 18.80
C THR B 275 -19.43 -19.55 17.64
N ILE B 276 -18.53 -20.53 17.60
CA ILE B 276 -18.56 -21.54 16.55
C ILE B 276 -19.87 -22.31 16.60
N MET B 277 -20.31 -22.66 17.82
CA MET B 277 -21.58 -23.38 17.98
C MET B 277 -22.74 -22.62 17.34
N GLU B 278 -22.77 -21.31 17.56
CA GLU B 278 -23.83 -20.48 17.02
C GLU B 278 -23.60 -20.16 15.53
N GLU B 279 -22.34 -19.91 15.18
CA GLU B 279 -22.01 -19.45 13.83
C GLU B 279 -21.97 -20.61 12.84
N ALA B 280 -21.43 -21.76 13.25
CA ALA B 280 -21.44 -22.95 12.41
C ALA B 280 -22.88 -23.37 12.17
N THR B 281 -23.72 -23.23 13.18
CA THR B 281 -25.14 -23.51 13.06
C THR B 281 -25.76 -22.57 12.04
N GLU B 282 -25.45 -21.28 12.17
CA GLU B 282 -26.02 -20.26 11.30
C GLU B 282 -25.60 -20.44 9.85
N LEU B 283 -24.35 -20.86 9.65
CA LEU B 283 -23.85 -21.09 8.29
C LEU B 283 -24.60 -22.25 7.64
N VAL B 284 -24.78 -23.35 8.38
CA VAL B 284 -25.51 -24.50 7.88
C VAL B 284 -26.97 -24.14 7.63
N GLN B 285 -27.51 -23.24 8.46
CA GLN B 285 -28.89 -22.79 8.28
C GLN B 285 -29.05 -22.03 6.98
N ARG B 286 -28.12 -21.12 6.69
CA ARG B 286 -28.18 -20.31 5.47
C ARG B 286 -27.97 -21.17 4.23
N ILE B 287 -27.25 -22.27 4.39
CA ILE B 287 -27.07 -23.20 3.28
C ILE B 287 -28.40 -23.86 2.93
N GLU B 288 -29.17 -24.21 3.96
CA GLU B 288 -30.50 -24.79 3.74
C GLU B 288 -31.49 -23.76 3.21
N ASN B 289 -31.31 -22.51 3.62
CA ASN B 289 -32.21 -21.43 3.25
C ASN B 289 -31.70 -20.62 2.05
N ASN B 290 -30.59 -21.06 1.46
CA ASN B 290 -30.01 -20.40 0.29
C ASN B 290 -29.77 -18.92 0.53
N GLY B 291 -28.97 -18.62 1.55
CA GLY B 291 -28.65 -17.24 1.90
C GLY B 291 -29.23 -16.85 3.25
N PRO B 292 -29.07 -15.57 3.62
CA PRO B 292 -28.40 -14.54 2.82
C PRO B 292 -26.90 -14.74 2.74
N PHE B 293 -26.36 -14.82 1.52
CA PHE B 293 -24.92 -14.95 1.32
C PHE B 293 -24.33 -13.63 0.82
N PRO B 294 -23.06 -13.35 1.13
CA PRO B 294 -22.19 -14.14 2.01
C PRO B 294 -22.46 -13.84 3.48
N MET B 295 -21.99 -14.70 4.38
CA MET B 295 -22.02 -14.40 5.80
C MET B 295 -20.64 -13.94 6.23
N PHE B 296 -20.58 -12.81 6.91
CA PHE B 296 -19.34 -12.28 7.45
C PHE B 296 -19.23 -12.57 8.94
N THR B 297 -18.02 -12.82 9.41
CA THR B 297 -17.76 -12.98 10.83
C THR B 297 -18.02 -11.65 11.53
N SER B 298 -18.35 -11.70 12.81
CA SER B 298 -18.67 -10.49 13.57
C SER B 298 -17.89 -10.42 14.87
N CYS B 299 -16.90 -11.29 15.02
CA CYS B 299 -16.13 -11.39 16.25
C CYS B 299 -15.13 -10.26 16.41
N CYS B 300 -14.73 -9.64 15.30
CA CYS B 300 -13.72 -8.59 15.32
C CYS B 300 -14.37 -7.21 15.32
N PRO B 301 -14.35 -6.51 16.48
CA PRO B 301 -15.01 -5.20 16.54
C PRO B 301 -14.39 -4.16 15.61
N GLY B 302 -13.13 -4.34 15.25
CA GLY B 302 -12.48 -3.45 14.31
C GLY B 302 -13.14 -3.52 12.94
N TRP B 303 -13.41 -4.75 12.50
CA TRP B 303 -14.06 -4.99 11.21
C TRP B 303 -15.53 -4.57 11.26
N VAL B 304 -16.15 -4.74 12.43
CA VAL B 304 -17.54 -4.31 12.62
C VAL B 304 -17.64 -2.80 12.44
N ARG B 305 -16.72 -2.06 13.03
CA ARG B 305 -16.69 -0.61 12.88
C ARG B 305 -16.40 -0.24 11.43
N GLN B 306 -15.53 -1.00 10.79
CA GLN B 306 -15.21 -0.76 9.39
C GLN B 306 -16.45 -0.93 8.54
N ALA B 307 -17.18 -2.02 8.76
CA ALA B 307 -18.43 -2.26 8.07
C ALA B 307 -19.45 -1.17 8.41
N GLU B 308 -19.50 -0.76 9.67
CA GLU B 308 -20.42 0.29 10.09
C GLU B 308 -20.09 1.62 9.41
N ASN B 309 -18.80 1.90 9.23
CA ASN B 309 -18.35 3.20 8.74
C ASN B 309 -18.10 3.27 7.23
N TYR B 310 -18.06 2.12 6.56
CA TYR B 310 -17.70 2.09 5.14
C TYR B 310 -18.62 1.19 4.29
N TYR B 311 -19.17 0.14 4.90
CA TYR B 311 -20.04 -0.79 4.17
C TYR B 311 -21.24 -1.20 5.01
N PRO B 312 -22.09 -0.23 5.38
CA PRO B 312 -23.24 -0.51 6.26
C PRO B 312 -24.22 -1.49 5.62
N GLU B 313 -24.19 -1.60 4.30
CA GLU B 313 -25.08 -2.52 3.59
C GLU B 313 -24.73 -3.98 3.86
N LEU B 314 -23.58 -4.22 4.47
CA LEU B 314 -23.11 -5.56 4.79
C LEU B 314 -23.45 -5.98 6.22
N LEU B 315 -23.99 -5.04 7.00
CA LEU B 315 -24.29 -5.33 8.40
C LEU B 315 -25.30 -6.46 8.55
N ASN B 316 -26.25 -6.53 7.63
CA ASN B 316 -27.27 -7.57 7.66
C ASN B 316 -26.70 -8.91 7.24
N ASN B 317 -25.46 -8.90 6.76
CA ASN B 317 -24.77 -10.13 6.35
C ASN B 317 -23.86 -10.68 7.45
N LEU B 318 -23.58 -9.87 8.46
CA LEU B 318 -22.74 -10.33 9.56
C LEU B 318 -23.41 -11.48 10.30
N SER B 319 -22.59 -12.39 10.81
CA SER B 319 -23.10 -13.50 11.61
C SER B 319 -23.81 -12.98 12.86
N SER B 320 -24.91 -13.64 13.21
CA SER B 320 -25.73 -13.21 14.33
C SER B 320 -25.07 -13.54 15.66
N ALA B 321 -24.17 -14.52 15.65
CA ALA B 321 -23.50 -14.97 16.86
C ALA B 321 -22.63 -13.86 17.45
N LYS B 322 -22.76 -13.65 18.76
CA LYS B 322 -21.91 -12.69 19.47
C LYS B 322 -20.45 -13.13 19.42
N SER B 323 -19.55 -12.19 19.69
CA SER B 323 -18.13 -12.49 19.68
C SER B 323 -17.79 -13.34 20.91
N PRO B 324 -16.68 -14.10 20.84
CA PRO B 324 -16.22 -14.91 21.97
C PRO B 324 -16.18 -14.14 23.29
N GLN B 325 -15.87 -12.85 23.22
CA GLN B 325 -15.84 -12.03 24.41
C GLN B 325 -17.26 -11.80 24.92
N GLN B 326 -18.10 -11.25 24.05
CA GLN B 326 -19.45 -10.87 24.45
C GLN B 326 -20.35 -12.08 24.72
N ILE B 327 -20.17 -13.14 23.94
CA ILE B 327 -20.98 -14.33 24.11
C ILE B 327 -20.63 -14.99 25.45
N PHE B 328 -19.34 -15.00 25.76
CA PHE B 328 -18.84 -15.49 27.05
C PHE B 328 -19.40 -14.61 28.16
N GLY B 329 -19.44 -13.31 27.90
CA GLY B 329 -19.91 -12.35 28.89
C GLY B 329 -21.37 -12.52 29.21
N THR B 330 -22.19 -12.79 28.20
CA THR B 330 -23.62 -12.97 28.38
C THR B 330 -23.88 -14.22 29.22
N ALA B 331 -23.10 -15.26 28.97
CA ALA B 331 -23.27 -16.52 29.69
C ALA B 331 -22.84 -16.39 31.15
N SER B 332 -21.83 -15.57 31.40
CA SER B 332 -21.27 -15.42 32.74
C SER B 332 -22.23 -14.72 33.70
N LYS B 333 -23.26 -14.08 33.14
CA LYS B 333 -24.26 -13.38 33.94
C LYS B 333 -25.59 -14.14 33.96
N THR B 334 -25.64 -15.25 33.24
CA THR B 334 -26.86 -16.03 33.10
C THR B 334 -26.64 -17.49 33.45
N TYR B 335 -25.75 -18.15 32.72
CA TYR B 335 -25.49 -19.57 32.92
C TYR B 335 -24.62 -19.85 34.13
N TYR B 336 -23.66 -18.97 34.40
CA TYR B 336 -22.71 -19.19 35.48
C TYR B 336 -23.36 -19.02 36.86
N PRO B 337 -24.18 -17.97 37.05
CA PRO B 337 -24.91 -17.86 38.32
C PRO B 337 -25.83 -19.05 38.58
N SER B 338 -26.29 -19.70 37.52
CA SER B 338 -27.22 -20.82 37.65
C SER B 338 -26.52 -22.07 38.16
N ILE B 339 -25.20 -22.12 38.03
CA ILE B 339 -24.40 -23.27 38.46
C ILE B 339 -23.48 -22.95 39.64
N SER B 340 -23.60 -21.75 40.18
CA SER B 340 -22.73 -21.30 41.25
C SER B 340 -23.51 -20.76 42.44
N GLY B 341 -24.72 -20.28 42.18
CA GLY B 341 -25.54 -19.70 43.23
C GLY B 341 -25.24 -18.24 43.46
N LEU B 342 -24.36 -17.68 42.64
CA LEU B 342 -24.01 -16.28 42.73
C LEU B 342 -25.18 -15.38 42.30
N ASP B 343 -25.23 -14.18 42.87
CA ASP B 343 -26.18 -13.17 42.42
C ASP B 343 -25.60 -12.53 41.17
N PRO B 344 -26.33 -12.60 40.03
CA PRO B 344 -25.83 -12.03 38.77
C PRO B 344 -25.34 -10.58 38.87
N LYS B 345 -25.92 -9.82 39.79
CA LYS B 345 -25.54 -8.41 39.96
C LYS B 345 -24.16 -8.29 40.58
N ASN B 346 -23.73 -9.32 41.30
CA ASN B 346 -22.45 -9.30 41.99
C ASN B 346 -21.31 -9.85 41.14
N VAL B 347 -21.65 -10.48 40.03
CA VAL B 347 -20.64 -11.00 39.11
C VAL B 347 -20.04 -9.86 38.31
N PHE B 348 -18.70 -9.83 38.25
CA PHE B 348 -17.96 -8.80 37.52
C PHE B 348 -17.00 -9.47 36.55
N THR B 349 -17.35 -9.45 35.26
CA THR B 349 -16.61 -10.18 34.25
C THR B 349 -15.52 -9.34 33.59
N VAL B 350 -14.27 -9.77 33.79
CA VAL B 350 -13.10 -9.13 33.20
C VAL B 350 -12.58 -9.99 32.06
N THR B 351 -12.05 -9.34 31.02
CA THR B 351 -11.41 -10.06 29.93
C THR B 351 -10.02 -9.51 29.67
N VAL B 352 -9.12 -10.40 29.28
CA VAL B 352 -7.77 -10.01 28.88
C VAL B 352 -7.64 -10.17 27.37
N MET B 353 -7.43 -9.05 26.68
CA MET B 353 -7.45 -9.02 25.23
C MET B 353 -6.16 -8.47 24.64
N PRO B 354 -5.81 -8.89 23.41
CA PRO B 354 -4.71 -8.29 22.66
C PRO B 354 -5.20 -7.07 21.89
N CYS B 355 -6.38 -6.59 22.25
CA CYS B 355 -7.14 -5.67 21.42
C CYS B 355 -7.55 -4.42 22.17
N THR B 356 -7.46 -3.27 21.48
CA THR B 356 -7.98 -2.02 22.02
C THR B 356 -9.45 -1.86 21.63
N SER B 357 -9.82 -2.40 20.47
CA SER B 357 -11.18 -2.27 19.97
C SER B 357 -12.18 -3.07 20.81
N LYS B 358 -11.66 -4.00 21.61
CA LYS B 358 -12.51 -4.83 22.47
C LYS B 358 -13.10 -4.02 23.61
N LYS B 359 -12.41 -2.95 24.00
CA LYS B 359 -12.90 -2.07 25.05
C LYS B 359 -14.13 -1.29 24.58
N PHE B 360 -14.17 -0.98 23.29
CA PHE B 360 -15.31 -0.27 22.71
C PHE B 360 -16.50 -1.21 22.60
N GLU B 361 -16.24 -2.44 22.17
CA GLU B 361 -17.30 -3.45 22.03
C GLU B 361 -17.96 -3.73 23.37
N ALA B 362 -17.15 -3.90 24.41
CA ALA B 362 -17.64 -4.23 25.75
C ALA B 362 -18.53 -3.12 26.30
N ASP B 363 -18.28 -1.88 25.88
CA ASP B 363 -18.99 -0.73 26.41
C ASP B 363 -20.13 -0.27 25.50
N ARG B 364 -20.50 -1.10 24.52
CA ARG B 364 -21.63 -0.79 23.67
C ARG B 364 -22.91 -0.80 24.50
N PRO B 365 -23.78 0.22 24.32
CA PRO B 365 -25.00 0.33 25.14
C PRO B 365 -25.84 -0.95 25.24
N GLN B 366 -26.08 -1.60 24.11
CA GLN B 366 -26.98 -2.75 24.07
C GLN B 366 -26.26 -4.07 24.34
N MET B 367 -24.97 -4.00 24.67
CA MET B 367 -24.23 -5.19 25.07
C MET B 367 -24.47 -5.47 26.55
N GLU B 368 -25.74 -5.70 26.89
CA GLU B 368 -26.12 -6.03 28.25
C GLU B 368 -27.49 -6.71 28.26
N LYS B 369 -27.95 -7.09 29.43
CA LYS B 369 -29.27 -7.71 29.57
C LYS B 369 -29.74 -7.62 31.02
N ASP B 370 -30.96 -7.11 31.20
CA ASP B 370 -31.56 -6.97 32.52
C ASP B 370 -30.68 -6.12 33.44
N GLY B 371 -30.04 -5.11 32.85
CA GLY B 371 -29.22 -4.17 33.61
C GLY B 371 -27.82 -4.68 33.90
N LEU B 372 -27.46 -5.83 33.32
CA LEU B 372 -26.16 -6.45 33.55
C LEU B 372 -25.30 -6.49 32.29
N ARG B 373 -24.16 -5.82 32.35
CA ARG B 373 -23.21 -5.81 31.24
C ARG B 373 -22.70 -7.21 30.96
N ASP B 374 -22.58 -7.57 29.68
CA ASP B 374 -21.96 -8.83 29.31
C ASP B 374 -20.54 -8.83 29.86
N ILE B 375 -19.83 -7.74 29.58
CA ILE B 375 -18.44 -7.56 30.02
C ILE B 375 -18.31 -6.23 30.75
N ASP B 376 -17.73 -6.26 31.95
CA ASP B 376 -17.63 -5.07 32.78
C ASP B 376 -16.28 -4.38 32.65
N ALA B 377 -15.27 -5.13 32.22
CA ALA B 377 -13.93 -4.57 32.05
C ALA B 377 -13.12 -5.36 31.04
N VAL B 378 -12.30 -4.64 30.28
CA VAL B 378 -11.41 -5.24 29.29
C VAL B 378 -10.03 -4.65 29.43
N ILE B 379 -9.06 -5.47 29.85
CA ILE B 379 -7.68 -5.02 29.99
C ILE B 379 -6.80 -5.64 28.92
N THR B 380 -5.88 -4.85 28.37
CA THR B 380 -4.99 -5.32 27.34
C THR B 380 -4.01 -6.36 27.88
N THR B 381 -3.27 -6.99 26.98
CA THR B 381 -2.17 -7.87 27.37
C THR B 381 -1.14 -7.05 28.13
N ARG B 382 -0.91 -5.82 27.67
CA ARG B 382 0.03 -4.90 28.31
C ARG B 382 -0.44 -4.51 29.70
N GLU B 383 -1.74 -4.35 29.86
CA GLU B 383 -2.31 -3.98 31.15
C GLU B 383 -2.21 -5.11 32.18
N LEU B 384 -2.45 -6.34 31.75
CA LEU B 384 -2.32 -7.49 32.63
C LEU B 384 -0.87 -7.64 33.08
N ALA B 385 0.06 -7.37 32.17
CA ALA B 385 1.48 -7.47 32.47
C ALA B 385 1.88 -6.49 33.57
N LYS B 386 1.40 -5.26 33.46
CA LYS B 386 1.70 -4.23 34.46
C LYS B 386 1.05 -4.59 35.80
N MET B 387 -0.12 -5.21 35.73
CA MET B 387 -0.85 -5.60 36.93
C MET B 387 -0.09 -6.69 37.69
N ILE B 388 0.40 -7.67 36.95
CA ILE B 388 1.17 -8.77 37.53
C ILE B 388 2.45 -8.24 38.16
N LYS B 389 3.09 -7.29 37.50
CA LYS B 389 4.36 -6.74 37.97
C LYS B 389 4.18 -5.81 39.17
N ASP B 390 3.04 -5.14 39.24
CA ASP B 390 2.73 -4.27 40.37
C ASP B 390 2.41 -5.09 41.61
N ALA B 391 1.92 -6.31 41.39
CA ALA B 391 1.62 -7.22 42.49
C ALA B 391 2.86 -8.03 42.89
N LYS B 392 3.98 -7.75 42.22
CA LYS B 392 5.25 -8.40 42.50
C LYS B 392 5.15 -9.93 42.38
N ILE B 393 4.35 -10.37 41.42
CA ILE B 393 4.21 -11.79 41.12
C ILE B 393 5.38 -12.25 40.24
N PRO B 394 6.08 -13.32 40.66
CA PRO B 394 7.20 -13.81 39.86
C PRO B 394 6.73 -14.67 38.70
N PHE B 395 6.21 -14.00 37.66
CA PHE B 395 5.57 -14.68 36.53
C PHE B 395 6.42 -15.79 35.92
N ALA B 396 7.69 -15.49 35.63
CA ALA B 396 8.55 -16.44 34.94
C ALA B 396 8.83 -17.70 35.76
N LYS B 397 8.62 -17.62 37.08
CA LYS B 397 8.92 -18.73 37.97
C LYS B 397 7.66 -19.41 38.52
N LEU B 398 6.51 -19.09 37.94
CA LEU B 398 5.26 -19.67 38.40
C LEU B 398 5.09 -21.11 37.93
N GLU B 399 4.50 -21.94 38.79
CA GLU B 399 4.11 -23.29 38.41
C GLU B 399 2.81 -23.22 37.61
N ASP B 400 2.59 -24.19 36.74
CA ASP B 400 1.38 -24.21 35.92
C ASP B 400 0.17 -24.67 36.74
N SER B 401 -0.96 -24.00 36.51
CA SER B 401 -2.24 -24.41 37.06
C SER B 401 -3.23 -24.47 35.91
N GLU B 402 -4.46 -24.87 36.21
CA GLU B 402 -5.49 -25.02 35.19
C GLU B 402 -6.65 -24.07 35.45
N ALA B 403 -7.42 -23.79 34.39
CA ALA B 403 -8.58 -22.92 34.50
C ALA B 403 -9.74 -23.66 35.15
N ASP B 404 -10.66 -22.91 35.74
CA ASP B 404 -11.89 -23.49 36.25
C ASP B 404 -12.68 -24.02 35.05
N PRO B 405 -13.02 -25.32 35.07
CA PRO B 405 -13.46 -25.99 33.84
C PRO B 405 -14.83 -25.59 33.31
N ALA B 406 -15.73 -25.13 34.18
CA ALA B 406 -17.11 -24.85 33.80
C ALA B 406 -17.20 -23.97 32.55
N MET B 407 -16.36 -22.93 32.51
CA MET B 407 -16.28 -22.05 31.35
C MET B 407 -14.81 -21.75 31.00
N GLY B 408 -13.97 -22.76 31.21
CA GLY B 408 -12.53 -22.62 31.00
C GLY B 408 -11.98 -23.57 29.96
N GLU B 409 -12.59 -24.75 29.86
CA GLU B 409 -12.17 -25.73 28.86
C GLU B 409 -12.35 -25.17 27.46
N TYR B 410 -11.46 -25.55 26.55
CA TYR B 410 -11.61 -25.17 25.15
C TYR B 410 -10.97 -26.19 24.22
N SER B 411 -11.53 -26.30 23.02
CA SER B 411 -11.02 -27.22 22.01
C SER B 411 -9.89 -26.56 21.21
N GLY B 412 -9.27 -27.34 20.33
CA GLY B 412 -8.24 -26.81 19.47
C GLY B 412 -8.80 -25.80 18.49
N ALA B 413 -10.10 -25.90 18.24
CA ALA B 413 -10.77 -24.97 17.33
C ALA B 413 -10.80 -23.57 17.91
N GLY B 414 -11.17 -23.46 19.18
CA GLY B 414 -11.23 -22.17 19.84
C GLY B 414 -9.84 -21.61 20.09
N ALA B 415 -8.83 -22.47 20.07
CA ALA B 415 -7.47 -22.06 20.36
C ALA B 415 -6.87 -21.23 19.22
N ILE B 416 -7.12 -21.64 17.99
CA ILE B 416 -6.51 -21.01 16.82
C ILE B 416 -7.18 -19.69 16.42
N PHE B 417 -8.22 -19.31 17.15
CA PHE B 417 -8.95 -18.07 16.88
C PHE B 417 -8.05 -16.85 16.74
N GLY B 418 -6.97 -16.82 17.50
CA GLY B 418 -6.09 -15.65 17.57
C GLY B 418 -5.34 -15.35 16.29
N ALA B 419 -5.22 -16.34 15.41
CA ALA B 419 -4.52 -16.17 14.14
C ALA B 419 -5.50 -15.98 12.99
N THR B 420 -5.04 -15.35 11.92
CA THR B 420 -5.85 -15.13 10.73
C THR B 420 -6.21 -16.47 10.09
N GLY B 421 -7.50 -16.66 9.80
CA GLY B 421 -8.00 -17.92 9.29
C GLY B 421 -8.39 -18.88 10.40
N GLY B 422 -8.25 -18.43 11.64
CA GLY B 422 -8.57 -19.26 12.80
C GLY B 422 -10.06 -19.48 12.94
N VAL B 423 -10.81 -18.39 12.90
CA VAL B 423 -12.27 -18.47 12.98
C VAL B 423 -12.81 -19.26 11.80
N MET B 424 -12.26 -19.01 10.62
CA MET B 424 -12.67 -19.70 9.41
C MET B 424 -12.50 -21.21 9.55
N GLU B 425 -11.29 -21.62 9.89
CA GLU B 425 -10.99 -23.04 10.04
C GLU B 425 -11.82 -23.65 11.17
N ALA B 426 -11.94 -22.92 12.27
CA ALA B 426 -12.73 -23.40 13.41
C ALA B 426 -14.19 -23.60 13.03
N ALA B 427 -14.72 -22.65 12.26
CA ALA B 427 -16.11 -22.72 11.84
C ALA B 427 -16.37 -23.89 10.90
N LEU B 428 -15.48 -24.07 9.92
CA LEU B 428 -15.64 -25.14 8.93
C LEU B 428 -15.60 -26.52 9.58
N ARG B 429 -14.78 -26.67 10.61
CA ARG B 429 -14.68 -27.94 11.33
C ARG B 429 -16.04 -28.37 11.90
N SER B 430 -16.76 -27.41 12.48
CA SER B 430 -18.08 -27.68 13.05
C SER B 430 -19.16 -27.60 11.97
N ALA B 431 -19.03 -26.65 11.06
CA ALA B 431 -20.04 -26.42 10.03
C ALA B 431 -20.21 -27.65 9.13
N LYS B 432 -19.11 -28.33 8.83
CA LYS B 432 -19.16 -29.50 7.97
C LYS B 432 -19.71 -30.71 8.71
N ASP B 433 -19.26 -30.90 9.96
CA ASP B 433 -19.78 -31.97 10.79
C ASP B 433 -21.29 -31.84 10.94
N PHE B 434 -21.75 -30.63 11.25
CA PHE B 434 -23.17 -30.36 11.42
C PHE B 434 -23.96 -30.67 10.16
N ALA B 435 -23.48 -30.17 9.02
CA ALA B 435 -24.20 -30.28 7.77
C ALA B 435 -24.29 -31.73 7.29
N GLU B 436 -23.19 -32.46 7.45
CA GLU B 436 -23.12 -33.84 6.97
C GLU B 436 -23.51 -34.85 8.06
N ASN B 437 -23.78 -34.35 9.27
CA ASN B 437 -24.13 -35.19 10.40
C ASN B 437 -23.11 -36.30 10.62
N ALA B 438 -21.83 -35.93 10.54
CA ALA B 438 -20.75 -36.90 10.64
C ALA B 438 -19.65 -36.38 11.55
N GLU B 439 -18.65 -37.22 11.78
CA GLU B 439 -17.48 -36.86 12.59
C GLU B 439 -16.22 -37.05 11.77
N LEU B 440 -15.95 -36.08 10.91
CA LEU B 440 -14.83 -36.17 9.96
C LEU B 440 -13.48 -36.10 10.66
N GLU B 441 -12.52 -36.86 10.15
CA GLU B 441 -11.17 -36.87 10.70
C GLU B 441 -10.33 -35.75 10.09
N ASP B 442 -10.60 -35.43 8.83
CA ASP B 442 -9.89 -34.36 8.13
C ASP B 442 -10.44 -33.00 8.56
N ILE B 443 -9.66 -32.29 9.38
CA ILE B 443 -10.12 -31.04 9.99
C ILE B 443 -9.12 -29.89 9.78
N GLU B 444 -8.00 -30.18 9.14
CA GLU B 444 -6.98 -29.17 8.92
C GLU B 444 -7.19 -28.43 7.60
N TYR B 445 -7.48 -27.14 7.72
CA TYR B 445 -7.69 -26.27 6.56
C TYR B 445 -6.51 -25.31 6.42
N LYS B 446 -5.38 -25.83 5.98
CA LYS B 446 -4.16 -25.04 5.90
C LYS B 446 -4.23 -23.97 4.80
N GLN B 447 -5.23 -24.08 3.93
CA GLN B 447 -5.39 -23.13 2.84
C GLN B 447 -5.77 -21.73 3.34
N VAL B 448 -6.48 -21.67 4.46
CA VAL B 448 -6.92 -20.37 4.99
C VAL B 448 -5.92 -19.81 6.00
N ARG B 449 -4.83 -20.54 6.24
CA ARG B 449 -3.78 -20.08 7.14
C ARG B 449 -2.77 -19.22 6.39
N GLY B 450 -1.85 -18.63 7.14
CA GLY B 450 -0.77 -17.84 6.57
C GLY B 450 -1.04 -16.35 6.62
N LEU B 451 -0.09 -15.56 6.11
CA LEU B 451 -0.16 -14.11 6.20
C LEU B 451 -0.52 -13.45 4.88
N ASN B 452 -1.02 -14.23 3.92
CA ASN B 452 -1.53 -13.66 2.69
C ASN B 452 -2.70 -12.73 3.01
N GLY B 453 -2.67 -11.54 2.44
CA GLY B 453 -3.65 -10.51 2.75
C GLY B 453 -5.08 -10.94 2.47
N ILE B 454 -5.25 -11.68 1.38
CA ILE B 454 -6.55 -12.19 0.98
C ILE B 454 -6.43 -13.66 0.61
N LYS B 455 -7.08 -14.52 1.38
CA LYS B 455 -7.04 -15.96 1.18
C LYS B 455 -8.44 -16.47 0.86
N GLU B 456 -8.54 -17.34 -0.14
CA GLU B 456 -9.80 -17.97 -0.49
C GLU B 456 -9.67 -19.48 -0.46
N ALA B 457 -10.79 -20.17 -0.50
CA ALA B 457 -10.80 -21.63 -0.51
C ALA B 457 -12.14 -22.17 -0.97
N GLU B 458 -12.09 -23.29 -1.68
CA GLU B 458 -13.30 -24.02 -2.07
C GLU B 458 -13.46 -25.22 -1.15
N VAL B 459 -14.60 -25.29 -0.46
CA VAL B 459 -14.87 -26.36 0.49
C VAL B 459 -16.13 -27.13 0.13
N GLU B 460 -16.07 -28.46 0.27
CA GLU B 460 -17.19 -29.33 -0.05
C GLU B 460 -18.02 -29.66 1.19
N ILE B 461 -19.32 -29.43 1.11
CA ILE B 461 -20.24 -29.76 2.20
C ILE B 461 -21.50 -30.40 1.61
N ASN B 462 -21.77 -31.64 2.01
CA ASN B 462 -22.89 -32.40 1.50
C ASN B 462 -22.86 -32.46 -0.03
N ASN B 463 -21.67 -32.76 -0.56
CA ASN B 463 -21.47 -32.89 -2.01
C ASN B 463 -21.83 -31.61 -2.76
N ASN B 464 -21.58 -30.47 -2.12
CA ASN B 464 -21.77 -29.17 -2.75
C ASN B 464 -20.60 -28.25 -2.44
N LYS B 465 -20.06 -27.61 -3.47
CA LYS B 465 -18.92 -26.72 -3.31
C LYS B 465 -19.38 -25.38 -2.75
N TYR B 466 -18.57 -24.79 -1.88
CA TYR B 466 -18.84 -23.47 -1.33
C TYR B 466 -17.57 -22.64 -1.27
N ASN B 467 -17.69 -21.35 -1.54
CA ASN B 467 -16.55 -20.45 -1.59
C ASN B 467 -16.42 -19.64 -0.31
N VAL B 468 -15.24 -19.72 0.31
CA VAL B 468 -14.95 -18.94 1.51
C VAL B 468 -13.75 -18.06 1.26
N ALA B 469 -13.68 -16.94 1.98
CA ALA B 469 -12.56 -16.02 1.88
C ALA B 469 -12.14 -15.52 3.26
N VAL B 470 -10.84 -15.44 3.49
CA VAL B 470 -10.30 -14.92 4.74
C VAL B 470 -9.57 -13.61 4.46
N ILE B 471 -10.15 -12.51 4.95
CA ILE B 471 -9.57 -11.20 4.78
C ILE B 471 -8.63 -10.90 5.94
N ASN B 472 -7.33 -10.85 5.62
CA ASN B 472 -6.29 -10.67 6.62
C ASN B 472 -5.83 -9.21 6.71
N GLY B 473 -6.58 -8.41 7.46
CA GLY B 473 -6.26 -7.01 7.65
C GLY B 473 -7.31 -6.08 7.09
N ALA B 474 -7.44 -4.90 7.70
CA ALA B 474 -8.46 -3.93 7.30
C ALA B 474 -8.18 -3.37 5.91
N SER B 475 -6.91 -3.13 5.62
CA SER B 475 -6.52 -2.59 4.31
C SER B 475 -6.82 -3.58 3.20
N ASN B 476 -6.81 -4.87 3.55
CA ASN B 476 -7.12 -5.91 2.59
C ASN B 476 -8.63 -6.09 2.41
N LEU B 477 -9.40 -5.61 3.38
CA LEU B 477 -10.85 -5.62 3.25
C LEU B 477 -11.24 -4.58 2.20
N PHE B 478 -10.69 -3.38 2.32
CA PHE B 478 -10.90 -2.33 1.34
C PHE B 478 -10.50 -2.81 -0.06
N LYS B 479 -9.35 -3.47 -0.15
CA LYS B 479 -8.88 -4.01 -1.42
C LYS B 479 -9.86 -5.04 -1.96
N PHE B 480 -10.31 -5.93 -1.08
CA PHE B 480 -11.21 -7.02 -1.47
C PHE B 480 -12.52 -6.48 -2.04
N MET B 481 -12.98 -5.35 -1.51
CA MET B 481 -14.25 -4.76 -1.91
C MET B 481 -14.09 -3.82 -3.11
N LYS B 482 -13.15 -2.89 -3.00
CA LYS B 482 -12.94 -1.86 -4.02
C LYS B 482 -12.48 -2.44 -5.35
N SER B 483 -11.76 -3.55 -5.30
CA SER B 483 -11.24 -4.20 -6.50
C SER B 483 -12.29 -5.03 -7.21
N GLY B 484 -13.40 -5.32 -6.52
CA GLY B 484 -14.48 -6.10 -7.11
C GLY B 484 -14.26 -7.59 -6.99
N MET B 485 -13.27 -7.99 -6.19
CA MET B 485 -13.02 -9.41 -5.95
C MET B 485 -14.23 -10.07 -5.33
N ILE B 486 -14.96 -9.31 -4.53
CA ILE B 486 -16.17 -9.78 -3.85
C ILE B 486 -17.21 -10.28 -4.85
N ASN B 487 -17.25 -9.68 -6.04
CA ASN B 487 -18.27 -10.01 -7.04
C ASN B 487 -17.79 -11.02 -8.08
N GLU B 488 -16.51 -11.37 -8.03
CA GLU B 488 -15.93 -12.28 -9.02
C GLU B 488 -16.58 -13.65 -8.96
N LYS B 489 -17.06 -14.02 -7.78
CA LYS B 489 -17.81 -15.26 -7.61
C LYS B 489 -18.69 -15.15 -6.37
N GLN B 490 -19.55 -16.15 -6.17
CA GLN B 490 -20.46 -16.15 -5.03
C GLN B 490 -19.77 -16.71 -3.79
N TYR B 491 -19.42 -15.83 -2.87
CA TYR B 491 -18.86 -16.25 -1.59
C TYR B 491 -19.99 -16.54 -0.62
N HIS B 492 -19.73 -17.44 0.33
CA HIS B 492 -20.77 -17.90 1.26
C HIS B 492 -20.41 -17.56 2.70
N PHE B 493 -19.12 -17.64 3.02
CA PHE B 493 -18.66 -17.38 4.38
C PHE B 493 -17.30 -16.67 4.35
N ILE B 494 -17.27 -15.47 4.91
CA ILE B 494 -16.06 -14.63 4.86
C ILE B 494 -15.61 -14.20 6.25
N GLU B 495 -14.34 -14.44 6.55
CA GLU B 495 -13.71 -13.97 7.78
C GLU B 495 -13.00 -12.65 7.52
N VAL B 496 -13.11 -11.72 8.46
CA VAL B 496 -12.43 -10.44 8.35
C VAL B 496 -11.83 -10.03 9.69
N MET B 497 -10.50 -9.92 9.72
CA MET B 497 -9.77 -9.41 10.87
C MET B 497 -9.15 -8.06 10.51
N ALA B 498 -9.32 -7.07 11.38
CA ALA B 498 -8.84 -5.72 11.13
C ALA B 498 -7.31 -5.64 11.19
N CYS B 499 -6.72 -6.45 12.05
CA CYS B 499 -5.26 -6.46 12.21
C CYS B 499 -4.63 -7.60 11.43
N HIS B 500 -3.59 -7.28 10.67
CA HIS B 500 -2.92 -8.28 9.84
C HIS B 500 -2.18 -9.28 10.69
N GLY B 501 -2.36 -10.56 10.38
CA GLY B 501 -1.79 -11.65 11.17
C GLY B 501 -2.80 -12.21 12.14
N GLY B 502 -3.89 -11.48 12.33
CA GLY B 502 -4.93 -11.87 13.26
C GLY B 502 -4.84 -11.08 14.56
N CYS B 503 -5.40 -11.63 15.62
CA CYS B 503 -5.43 -10.94 16.91
C CYS B 503 -4.10 -11.05 17.66
N VAL B 504 -3.23 -11.94 17.19
CA VAL B 504 -1.89 -12.03 17.76
C VAL B 504 -1.08 -10.76 17.48
N ASN B 505 -1.57 -9.96 16.53
CA ASN B 505 -0.95 -8.68 16.18
C ASN B 505 -1.84 -7.52 16.61
N GLY B 506 -2.71 -7.77 17.58
CA GLY B 506 -3.67 -6.78 18.03
C GLY B 506 -3.03 -5.56 18.66
N GLY B 507 -3.81 -4.50 18.82
CA GLY B 507 -3.30 -3.22 19.30
C GLY B 507 -3.11 -3.17 20.81
N GLY B 508 -3.45 -4.26 21.50
CA GLY B 508 -3.26 -4.35 22.93
C GLY B 508 -2.12 -5.30 23.26
N GLN B 509 -1.32 -5.63 22.27
CA GLN B 509 -0.22 -6.59 22.44
C GLN B 509 1.06 -5.89 22.88
N PRO B 510 2.04 -6.68 23.34
CA PRO B 510 3.34 -6.11 23.72
C PRO B 510 4.06 -5.45 22.55
N HIS B 511 4.61 -4.26 22.78
CA HIS B 511 5.43 -3.59 21.77
C HIS B 511 6.67 -4.43 21.50
N VAL B 512 7.09 -4.45 20.24
CA VAL B 512 8.31 -5.13 19.84
C VAL B 512 9.24 -4.11 19.20
N ASN B 513 10.52 -4.17 19.57
CA ASN B 513 11.51 -3.25 19.02
C ASN B 513 11.70 -3.49 17.53
N PRO B 514 11.88 -2.42 16.74
CA PRO B 514 12.14 -2.58 15.31
C PRO B 514 13.27 -3.56 15.02
N LYS B 515 14.29 -3.58 15.89
CA LYS B 515 15.39 -4.52 15.75
C LYS B 515 14.89 -5.95 15.85
N ASP B 516 14.07 -6.23 16.85
CA ASP B 516 13.55 -7.57 17.07
C ASP B 516 12.53 -7.95 16.00
N LEU B 517 11.81 -6.96 15.47
CA LEU B 517 10.85 -7.19 14.40
C LEU B 517 11.55 -7.64 13.13
N GLU B 518 12.78 -7.18 12.95
CA GLU B 518 13.58 -7.53 11.79
C GLU B 518 14.28 -8.88 11.97
N LYS B 519 14.28 -9.38 13.20
CA LYS B 519 14.87 -10.66 13.52
C LYS B 519 13.81 -11.74 13.70
N VAL B 520 12.65 -11.35 14.21
CA VAL B 520 11.57 -12.28 14.52
C VAL B 520 10.30 -11.94 13.77
N ASP B 521 9.64 -12.98 13.26
CA ASP B 521 8.34 -12.83 12.61
C ASP B 521 7.23 -12.95 13.67
N ILE B 522 6.89 -11.81 14.28
CA ILE B 522 6.03 -11.80 15.45
C ILE B 522 4.66 -12.41 15.16
N LYS B 523 4.16 -12.20 13.96
CA LYS B 523 2.84 -12.71 13.57
C LYS B 523 2.85 -14.23 13.48
N LYS B 524 3.92 -14.77 12.90
CA LYS B 524 4.07 -16.21 12.77
C LYS B 524 4.29 -16.86 14.12
N VAL B 525 5.27 -16.34 14.86
CA VAL B 525 5.72 -16.95 16.11
C VAL B 525 4.62 -17.01 17.16
N ARG B 526 3.83 -15.96 17.27
CA ARG B 526 2.74 -15.93 18.24
C ARG B 526 1.64 -16.90 17.83
N ALA B 527 1.37 -16.97 16.53
CA ALA B 527 0.32 -17.86 16.02
C ALA B 527 0.75 -19.32 16.12
N SER B 528 2.04 -19.57 16.03
CA SER B 528 2.57 -20.93 16.12
C SER B 528 2.19 -21.56 17.46
N VAL B 529 2.17 -20.74 18.51
CA VAL B 529 1.77 -21.20 19.83
C VAL B 529 0.34 -21.74 19.80
N LEU B 530 -0.55 -20.99 19.17
CA LEU B 530 -1.96 -21.33 19.14
C LEU B 530 -2.21 -22.60 18.34
N TYR B 531 -1.60 -22.69 17.16
CA TYR B 531 -1.78 -23.86 16.31
C TYR B 531 -1.21 -25.11 16.98
N ASN B 532 -0.13 -24.94 17.74
CA ASN B 532 0.48 -26.08 18.42
C ASN B 532 -0.45 -26.66 19.49
N GLN B 533 -1.23 -25.80 20.13
CA GLN B 533 -2.22 -26.26 21.10
C GLN B 533 -3.27 -27.11 20.41
N ASP B 534 -3.72 -26.65 19.24
CA ASP B 534 -4.70 -27.39 18.46
C ASP B 534 -4.17 -28.77 18.06
N GLU B 535 -2.88 -28.84 17.78
CA GLU B 535 -2.26 -30.09 17.36
C GLU B 535 -2.26 -31.15 18.47
N HIS B 536 -1.98 -30.70 19.70
CA HIS B 536 -1.79 -31.62 20.82
C HIS B 536 -3.01 -31.75 21.72
N LEU B 537 -4.11 -31.10 21.34
CA LEU B 537 -5.37 -31.22 22.09
C LEU B 537 -6.19 -32.39 21.58
N SER B 538 -6.88 -33.06 22.50
CA SER B 538 -7.71 -34.21 22.14
C SER B 538 -8.99 -33.74 21.44
N LYS B 539 -9.57 -32.66 21.93
CA LYS B 539 -10.75 -32.06 21.32
C LYS B 539 -10.33 -30.93 20.38
N ARG B 540 -10.51 -31.14 19.08
CA ARG B 540 -10.13 -30.15 18.07
C ARG B 540 -11.34 -29.58 17.35
N LYS B 541 -12.53 -29.83 17.90
CA LYS B 541 -13.77 -29.27 17.37
C LYS B 541 -14.54 -28.59 18.49
N SER B 542 -15.09 -27.42 18.20
CA SER B 542 -15.77 -26.60 19.20
C SER B 542 -16.94 -27.33 19.87
N HIS B 543 -17.62 -28.18 19.10
CA HIS B 543 -18.79 -28.88 19.60
C HIS B 543 -18.41 -30.17 20.35
N GLU B 544 -17.11 -30.38 20.56
CA GLU B 544 -16.62 -31.52 21.34
C GLU B 544 -16.16 -31.08 22.73
N ASN B 545 -16.28 -29.79 23.00
CA ASN B 545 -15.98 -29.24 24.31
C ASN B 545 -17.01 -29.73 25.33
N THR B 546 -16.60 -30.68 26.19
CA THR B 546 -17.52 -31.32 27.13
C THR B 546 -18.22 -30.31 28.04
N ALA B 547 -17.47 -29.35 28.56
CA ALA B 547 -18.02 -28.32 29.42
C ALA B 547 -19.07 -27.48 28.68
N LEU B 548 -18.83 -27.25 27.39
CA LEU B 548 -19.74 -26.47 26.58
C LEU B 548 -21.01 -27.26 26.27
N VAL B 549 -20.83 -28.53 25.90
CA VAL B 549 -21.96 -29.41 25.65
C VAL B 549 -22.85 -29.46 26.88
N LYS B 550 -22.22 -29.55 28.05
CA LYS B 550 -22.94 -29.56 29.32
C LYS B 550 -23.74 -28.27 29.51
N MET B 551 -23.16 -27.15 29.09
CA MET B 551 -23.79 -25.85 29.25
C MET B 551 -25.06 -25.74 28.40
N TYR B 552 -24.99 -26.27 27.17
CA TYR B 552 -26.11 -26.20 26.25
C TYR B 552 -27.20 -27.19 26.63
N GLN B 553 -26.81 -28.41 26.96
CA GLN B 553 -27.77 -29.45 27.30
C GLN B 553 -28.56 -29.13 28.57
N ASN B 554 -27.99 -28.32 29.45
CA ASN B 554 -28.60 -28.03 30.74
C ASN B 554 -29.22 -26.64 30.83
N TYR B 555 -28.81 -25.73 29.96
CA TYR B 555 -29.23 -24.33 30.06
C TYR B 555 -29.75 -23.75 28.75
N PHE B 556 -28.91 -23.71 27.72
CA PHE B 556 -29.26 -23.02 26.48
C PHE B 556 -30.10 -23.87 25.52
N GLY B 557 -30.00 -25.20 25.65
CA GLY B 557 -30.69 -26.09 24.75
C GLY B 557 -29.86 -26.36 23.51
N LYS B 558 -30.35 -25.90 22.35
CA LYS B 558 -29.62 -26.07 21.09
C LYS B 558 -29.22 -24.72 20.52
N PRO B 559 -28.04 -24.66 19.89
CA PRO B 559 -27.59 -23.39 19.31
C PRO B 559 -28.47 -22.94 18.15
N GLY B 560 -28.62 -21.64 17.97
CA GLY B 560 -29.43 -21.10 16.90
C GLY B 560 -30.93 -21.25 17.14
N GLU B 561 -31.28 -21.79 18.31
CA GLU B 561 -32.67 -22.01 18.67
C GLU B 561 -32.93 -21.62 20.12
N GLY B 562 -34.15 -21.17 20.40
CA GLY B 562 -34.58 -20.90 21.75
C GLY B 562 -33.73 -19.89 22.52
N ARG B 563 -33.36 -20.26 23.74
CA ARG B 563 -32.61 -19.38 24.62
C ARG B 563 -31.27 -18.98 24.01
N ALA B 564 -30.66 -19.90 23.28
CA ALA B 564 -29.38 -19.61 22.62
C ALA B 564 -29.53 -18.43 21.67
N HIS B 565 -30.41 -18.57 20.69
CA HIS B 565 -30.68 -17.52 19.73
C HIS B 565 -31.23 -16.27 20.43
N GLU B 566 -31.82 -16.47 21.60
CA GLU B 566 -32.50 -15.38 22.32
C GLU B 566 -31.53 -14.35 22.88
N ILE B 567 -30.41 -14.79 23.46
CA ILE B 567 -29.51 -13.90 24.19
C ILE B 567 -28.05 -13.97 23.76
N LEU B 568 -27.65 -15.04 23.07
CA LEU B 568 -26.26 -15.19 22.66
C LEU B 568 -25.96 -14.52 21.32
N HIS B 569 -26.98 -13.86 20.76
CA HIS B 569 -26.85 -13.24 19.45
C HIS B 569 -26.97 -11.73 19.50
N PHE B 570 -26.41 -11.06 18.49
CA PHE B 570 -26.43 -9.61 18.41
C PHE B 570 -26.35 -9.16 16.96
N LYS B 571 -27.24 -8.27 16.55
CA LYS B 571 -27.25 -7.71 15.21
C LYS B 571 -27.01 -6.20 15.24
N TYR B 572 -26.23 -5.72 14.27
CA TYR B 572 -25.92 -4.30 14.16
C TYR B 572 -26.81 -3.64 13.12
N LYS B 573 -27.14 -2.37 13.36
CA LYS B 573 -28.04 -1.62 12.49
C LYS B 573 -27.59 -0.17 12.33
N LYS B 574 -27.65 0.32 11.08
CA LYS B 574 -27.30 1.71 10.79
C LYS B 574 -28.46 2.62 11.15
#